data_1VZ5
#
_entry.id   1VZ5
#
_cell.length_a   72.514
_cell.length_b   145.815
_cell.length_c   158.788
_cell.angle_alpha   90.00
_cell.angle_beta   90.00
_cell.angle_gamma   90.00
#
_symmetry.space_group_name_H-M   'P 21 21 21'
#
loop_
_entity.id
_entity.type
_entity.pdbx_description
1 polymer 'PUTATIVE ALKYLSULFATASE ATSK'
2 non-polymer 'SUCCINIC ACID'
3 water water
#
_entity_poly.entity_id   1
_entity_poly.type   'polypeptide(L)'
_entity_poly.pdbx_seq_one_letter_code
;MSNAALATAPHALELDVHPVAGRIGAEIRGVKLSPDLDAATVEAIQAALVRHKVIFFRGQTHLDDQSQEGFAKLLGEPVA
HPTVPVVDGTRYLLQLDGAQGQRANSWHTDVTFVEAYPKASILRSVVAPASGGDTVWANTAAAYQELPEPLRELADKLWA
VHSNEYDYASLKPDIDPAKLERHRKVFTSTVYETEHPVVRVHPISGERALQLGHFVKRIKGYSLADSQHLFAVLQGHVTR
LENTVRWRWEAGDVAIWDNRATQHYAVDDYGTQPRIVRRVTLAGEVPVGVDGQLSRTTRKG
;
_entity_poly.pdbx_strand_id   A,B,C,D
#
loop_
_chem_comp.id
_chem_comp.type
_chem_comp.name
_chem_comp.formula
SIN non-polymer 'SUCCINIC ACID' 'C4 H6 O4'
#
# COMPACT_ATOMS: atom_id res chain seq x y z
N LEU A 13 -19.63 43.63 11.33
CA LEU A 13 -19.95 43.65 9.87
C LEU A 13 -20.11 42.25 9.37
N GLU A 14 -21.18 42.07 8.60
CA GLU A 14 -21.52 40.78 8.05
C GLU A 14 -21.38 40.89 6.53
N LEU A 15 -20.44 40.18 5.95
CA LEU A 15 -20.33 40.16 4.49
C LEU A 15 -21.36 39.21 3.93
N ASP A 16 -21.60 39.34 2.65
CA ASP A 16 -22.48 38.46 1.96
C ASP A 16 -21.74 37.14 1.58
N VAL A 17 -21.74 36.15 2.48
CA VAL A 17 -20.88 34.93 2.39
C VAL A 17 -21.74 33.72 2.02
N HIS A 18 -21.33 32.97 0.98
CA HIS A 18 -22.03 31.82 0.48
C HIS A 18 -21.09 30.60 0.45
N PRO A 19 -21.20 29.69 1.43
CA PRO A 19 -20.34 28.47 1.46
C PRO A 19 -20.51 27.70 0.23
N VAL A 20 -19.44 27.09 -0.23
CA VAL A 20 -19.33 26.41 -1.49
C VAL A 20 -19.50 24.90 -1.24
N ALA A 21 -18.62 24.21 -0.48
CA ALA A 21 -18.82 22.79 -0.13
C ALA A 21 -19.15 22.77 1.34
N GLY A 22 -19.48 21.62 1.89
CA GLY A 22 -20.01 21.65 3.24
C GLY A 22 -18.92 21.86 4.28
N ARG A 23 -17.63 21.62 3.98
CA ARG A 23 -16.58 21.68 5.04
C ARG A 23 -15.40 22.63 4.75
N ILE A 24 -15.46 23.32 3.60
CA ILE A 24 -14.45 24.26 3.21
C ILE A 24 -14.99 25.11 2.04
N GLY A 25 -14.57 26.38 2.02
CA GLY A 25 -14.75 27.22 0.82
C GLY A 25 -15.99 28.10 0.95
N ALA A 26 -15.86 29.39 0.64
CA ALA A 26 -17.00 30.31 0.65
C ALA A 26 -16.79 31.42 -0.36
N GLU A 27 -17.84 31.77 -1.08
CA GLU A 27 -17.76 32.89 -2.03
C GLU A 27 -18.29 34.07 -1.28
N ILE A 28 -17.55 35.16 -1.41
CA ILE A 28 -17.96 36.47 -0.84
C ILE A 28 -18.48 37.37 -1.94
N ARG A 29 -19.73 37.76 -1.85
CA ARG A 29 -20.27 38.70 -2.88
C ARG A 29 -20.27 40.18 -2.41
N GLY A 30 -20.38 41.12 -3.32
CA GLY A 30 -20.59 42.50 -2.94
C GLY A 30 -19.35 43.21 -2.49
N VAL A 31 -18.17 42.65 -2.74
CA VAL A 31 -16.93 43.29 -2.35
C VAL A 31 -16.05 43.43 -3.57
N LYS A 32 -15.61 44.67 -3.85
CA LYS A 32 -14.69 44.92 -4.91
C LYS A 32 -13.31 45.04 -4.27
N LEU A 33 -12.46 44.03 -4.52
CA LEU A 33 -11.16 44.02 -3.88
C LEU A 33 -10.32 45.25 -4.35
N SER A 34 -9.53 45.86 -3.48
CA SER A 34 -8.71 47.02 -3.86
C SER A 34 -7.81 47.42 -2.69
N PRO A 35 -6.80 48.26 -2.95
CA PRO A 35 -5.93 48.71 -1.88
C PRO A 35 -6.64 49.64 -0.89
N ASP A 36 -7.89 50.03 -1.16
CA ASP A 36 -8.59 51.04 -0.37
C ASP A 36 -9.73 50.52 0.53
N LEU A 37 -9.85 49.19 0.65
CA LEU A 37 -10.85 48.57 1.50
C LEU A 37 -10.72 49.08 2.99
N ASP A 38 -11.84 49.41 3.62
CA ASP A 38 -11.79 49.87 5.02
C ASP A 38 -11.47 48.76 6.05
N ALA A 39 -11.11 49.15 7.29
CA ALA A 39 -10.70 48.18 8.30
C ALA A 39 -11.74 47.10 8.56
N ALA A 40 -13.01 47.45 8.55
CA ALA A 40 -14.05 46.45 8.87
C ALA A 40 -14.14 45.38 7.79
N THR A 41 -14.09 45.82 6.53
CA THR A 41 -14.05 44.91 5.41
C THR A 41 -12.85 43.96 5.51
N VAL A 42 -11.66 44.52 5.72
CA VAL A 42 -10.44 43.70 5.77
C VAL A 42 -10.53 42.68 6.91
N GLU A 43 -11.06 43.13 8.07
CA GLU A 43 -11.14 42.25 9.23
C GLU A 43 -12.18 41.15 8.95
N ALA A 44 -13.31 41.49 8.30
CA ALA A 44 -14.34 40.46 8.00
C ALA A 44 -13.78 39.45 6.98
N ILE A 45 -12.97 39.90 6.05
CA ILE A 45 -12.33 39.04 5.08
C ILE A 45 -11.34 38.08 5.80
N GLN A 46 -10.56 38.59 6.76
CA GLN A 46 -9.55 37.82 7.46
C GLN A 46 -10.31 36.77 8.29
N ALA A 47 -11.45 37.15 8.85
CA ALA A 47 -12.31 36.22 9.66
C ALA A 47 -12.91 35.11 8.78
N ALA A 48 -13.34 35.45 7.57
CA ALA A 48 -13.97 34.49 6.65
C ALA A 48 -12.88 33.51 6.17
N LEU A 49 -11.69 34.02 5.98
CA LEU A 49 -10.57 33.25 5.52
C LEU A 49 -10.22 32.18 6.58
N VAL A 50 -10.12 32.59 7.86
CA VAL A 50 -9.75 31.60 8.90
C VAL A 50 -10.84 30.53 9.00
N ARG A 51 -12.11 30.94 8.91
CA ARG A 51 -13.25 30.09 9.12
C ARG A 51 -13.42 29.09 7.96
N HIS A 52 -13.21 29.52 6.72
CA HIS A 52 -13.68 28.80 5.52
C HIS A 52 -12.53 28.25 4.74
N LYS A 53 -11.36 28.72 5.11
CA LYS A 53 -10.04 28.20 4.68
C LYS A 53 -9.61 28.63 3.29
N VAL A 54 -10.56 28.76 2.38
CA VAL A 54 -10.30 29.37 1.07
C VAL A 54 -11.59 30.14 0.74
N ILE A 55 -11.43 31.39 0.24
CA ILE A 55 -12.57 32.25 -0.09
C ILE A 55 -12.43 32.76 -1.48
N PHE A 56 -13.57 33.05 -2.11
CA PHE A 56 -13.60 33.41 -3.52
C PHE A 56 -14.34 34.71 -3.77
N PHE A 57 -13.77 35.52 -4.65
CA PHE A 57 -14.40 36.76 -5.15
C PHE A 57 -14.43 36.70 -6.65
N ARG A 58 -15.63 36.79 -7.22
CA ARG A 58 -15.78 36.74 -8.66
C ARG A 58 -15.98 38.13 -9.17
N GLY A 59 -15.75 38.30 -10.47
CA GLY A 59 -16.09 39.55 -11.16
C GLY A 59 -15.12 40.67 -10.82
N GLN A 60 -13.87 40.34 -10.50
CA GLN A 60 -12.90 41.38 -10.03
C GLN A 60 -12.17 41.91 -11.25
N THR A 61 -12.93 42.38 -12.21
CA THR A 61 -12.36 42.73 -13.54
C THR A 61 -11.55 44.04 -13.53
N HIS A 62 -11.78 44.86 -12.52
CA HIS A 62 -11.07 46.10 -12.24
C HIS A 62 -9.71 45.85 -11.60
N LEU A 63 -9.45 44.63 -11.12
CA LEU A 63 -8.30 44.39 -10.26
C LEU A 63 -7.06 44.09 -11.05
N ASP A 64 -6.20 45.06 -11.31
CA ASP A 64 -5.04 44.79 -12.11
C ASP A 64 -3.83 44.45 -11.24
N ASP A 65 -2.66 44.34 -11.86
CA ASP A 65 -1.51 43.80 -11.18
C ASP A 65 -1.12 44.66 -9.96
N GLN A 66 -1.12 46.00 -10.10
CA GLN A 66 -0.73 46.95 -9.00
C GLN A 66 -1.78 46.91 -7.89
N SER A 67 -3.02 46.88 -8.31
CA SER A 67 -4.16 46.87 -7.45
C SER A 67 -4.20 45.51 -6.60
N GLN A 68 -3.83 44.39 -7.24
CA GLN A 68 -3.77 43.09 -6.56
C GLN A 68 -2.72 43.12 -5.44
N GLU A 69 -1.54 43.63 -5.79
CA GLU A 69 -0.47 43.78 -4.88
C GLU A 69 -0.80 44.74 -3.71
N GLY A 70 -1.46 45.88 -4.00
CA GLY A 70 -1.84 46.84 -2.95
C GLY A 70 -2.93 46.23 -2.05
N PHE A 71 -3.87 45.49 -2.64
CA PHE A 71 -4.84 44.79 -1.84
C PHE A 71 -4.15 43.81 -0.92
N ALA A 72 -3.21 43.05 -1.45
CA ALA A 72 -2.45 42.05 -0.68
C ALA A 72 -1.88 42.57 0.63
N LYS A 73 -1.31 43.78 0.52
CA LYS A 73 -0.58 44.39 1.60
C LYS A 73 -1.55 44.69 2.75
N LEU A 74 -2.83 44.84 2.47
CA LEU A 74 -3.76 44.99 3.56
C LEU A 74 -3.90 43.70 4.40
N LEU A 75 -3.51 42.53 3.83
CA LEU A 75 -3.72 41.24 4.52
C LEU A 75 -2.47 40.71 5.26
N GLY A 76 -1.30 41.20 4.87
CA GLY A 76 -0.01 40.74 5.45
C GLY A 76 1.17 41.33 4.65
N GLU A 77 2.35 40.72 4.78
CA GLU A 77 3.55 41.20 4.14
C GLU A 77 3.87 40.31 2.94
N PRO A 78 3.80 40.84 1.69
CA PRO A 78 4.10 40.02 0.55
C PRO A 78 5.53 39.55 0.65
N VAL A 79 5.82 38.38 0.08
CA VAL A 79 7.13 37.81 0.12
C VAL A 79 7.80 38.02 -1.23
N ALA A 80 9.03 38.54 -1.15
CA ALA A 80 9.99 38.64 -2.27
C ALA A 80 10.71 37.29 -2.51
N PRO A 85 11.85 36.32 -10.46
CA PRO A 85 11.36 36.93 -11.74
C PRO A 85 9.84 37.29 -11.67
N VAL A 86 9.52 38.57 -11.44
CA VAL A 86 8.14 38.95 -11.04
C VAL A 86 7.48 39.63 -12.22
N VAL A 87 6.17 39.82 -12.15
CA VAL A 87 5.47 40.47 -13.19
C VAL A 87 5.98 41.94 -13.31
N ASP A 88 6.32 42.37 -14.52
CA ASP A 88 6.74 43.75 -14.75
C ASP A 88 5.81 44.74 -14.12
N GLY A 89 6.39 45.73 -13.45
CA GLY A 89 5.59 46.79 -12.80
C GLY A 89 5.21 46.43 -11.37
N THR A 90 5.62 45.25 -10.89
CA THR A 90 5.27 44.92 -9.49
C THR A 90 6.53 44.52 -8.78
N ARG A 91 6.44 44.37 -7.48
CA ARG A 91 7.57 43.91 -6.70
C ARG A 91 7.35 42.45 -6.23
N TYR A 92 6.09 42.00 -6.12
CA TYR A 92 5.78 40.72 -5.50
C TYR A 92 4.89 39.79 -6.31
N LEU A 93 4.39 40.22 -7.47
CA LEU A 93 3.40 39.44 -8.20
C LEU A 93 4.12 38.40 -9.05
N LEU A 94 3.77 37.15 -8.84
CA LEU A 94 4.25 36.06 -9.71
C LEU A 94 3.18 35.52 -10.65
N GLN A 95 3.59 35.28 -11.89
CA GLN A 95 2.71 34.73 -12.90
C GLN A 95 2.91 33.22 -12.99
N LEU A 96 1.80 32.44 -13.01
CA LEU A 96 1.95 31.00 -13.29
C LEU A 96 1.21 30.63 -14.57
N ASP A 97 1.94 29.99 -15.48
CA ASP A 97 1.54 29.74 -16.84
C ASP A 97 1.29 28.24 -16.95
N ARG A 103 3.60 22.38 -14.41
CA ARG A 103 2.23 22.21 -13.86
C ARG A 103 2.11 21.48 -12.48
N ALA A 104 1.24 21.97 -11.57
CA ALA A 104 1.26 21.52 -10.17
C ALA A 104 0.06 20.65 -9.68
N ASN A 105 -0.12 19.51 -10.34
CA ASN A 105 -1.19 18.59 -10.10
C ASN A 105 -0.74 17.58 -9.07
N SER A 106 -0.49 18.09 -7.85
CA SER A 106 0.05 17.30 -6.76
C SER A 106 -0.30 18.01 -5.50
N TRP A 107 -0.81 17.30 -4.51
CA TRP A 107 -1.32 17.99 -3.31
C TRP A 107 -0.22 18.51 -2.46
N HIS A 108 -0.33 19.76 -2.03
CA HIS A 108 0.73 20.29 -1.20
C HIS A 108 0.30 21.53 -0.45
N THR A 109 0.96 21.81 0.66
CA THR A 109 0.94 23.12 1.29
C THR A 109 2.17 23.91 0.79
N ASP A 110 2.03 25.21 0.63
CA ASP A 110 3.04 25.99 -0.11
C ASP A 110 4.35 26.14 0.69
N VAL A 111 5.44 25.79 0.05
CA VAL A 111 6.79 26.06 0.55
C VAL A 111 7.07 25.48 1.92
N THR A 112 6.52 24.31 2.25
CA THR A 112 6.70 23.87 3.59
C THR A 112 8.14 23.33 3.87
N PHE A 113 9.01 23.32 2.85
CA PHE A 113 10.42 22.99 3.09
C PHE A 113 11.18 24.12 3.78
N VAL A 114 10.52 25.27 3.98
CA VAL A 114 11.16 26.29 4.79
C VAL A 114 10.46 26.36 6.08
N GLU A 115 11.04 27.10 7.00
CA GLU A 115 10.63 27.15 8.39
C GLU A 115 9.40 28.02 8.60
N ALA A 116 9.41 29.26 8.09
CA ALA A 116 8.27 30.10 8.28
C ALA A 116 7.68 30.25 6.89
N TYR A 117 6.89 29.24 6.46
CA TYR A 117 6.41 29.22 5.11
C TYR A 117 5.17 30.14 5.06
N PRO A 118 4.69 30.53 3.89
CA PRO A 118 3.63 31.55 3.80
C PRO A 118 2.35 31.22 4.56
N LYS A 119 1.71 32.25 5.07
CA LYS A 119 0.43 32.08 5.68
C LYS A 119 -0.74 32.05 4.73
N ALA A 120 -0.58 32.64 3.53
CA ALA A 120 -1.68 32.79 2.53
C ALA A 120 -1.16 33.14 1.17
N SER A 121 -1.99 32.88 0.14
CA SER A 121 -1.76 33.50 -1.20
C SER A 121 -3.04 34.09 -1.69
N ILE A 122 -2.91 35.06 -2.56
CA ILE A 122 -4.04 35.74 -3.20
C ILE A 122 -3.77 35.43 -4.68
N LEU A 123 -4.72 34.74 -5.30
CA LEU A 123 -4.50 34.27 -6.65
C LEU A 123 -5.63 34.79 -7.56
N ARG A 124 -5.25 35.43 -8.65
CA ARG A 124 -6.20 36.01 -9.58
C ARG A 124 -6.15 35.24 -10.92
N SER A 125 -7.31 34.97 -11.52
CA SER A 125 -7.31 34.37 -12.83
C SER A 125 -7.26 35.47 -13.90
N VAL A 126 -6.23 35.40 -14.73
CA VAL A 126 -6.05 36.28 -15.89
C VAL A 126 -6.60 35.65 -17.19
N VAL A 127 -6.21 34.39 -17.46
CA VAL A 127 -6.80 33.70 -18.61
C VAL A 127 -7.24 32.32 -18.11
N ALA A 128 -8.48 31.98 -18.34
CA ALA A 128 -9.05 30.77 -17.83
C ALA A 128 -9.57 29.84 -19.02
N PRO A 129 -9.08 28.59 -19.11
CA PRO A 129 -9.58 27.62 -20.05
C PRO A 129 -11.06 27.53 -19.99
N ALA A 130 -11.64 27.43 -21.16
CA ALA A 130 -13.06 27.26 -21.37
C ALA A 130 -13.57 25.94 -20.76
N SER A 131 -12.74 24.87 -20.77
CA SER A 131 -13.09 23.70 -19.97
C SER A 131 -11.82 23.12 -19.31
N GLY A 132 -11.94 22.68 -18.07
CA GLY A 132 -10.79 22.23 -17.37
C GLY A 132 -10.18 23.39 -16.63
N GLY A 133 -9.03 23.12 -15.98
CA GLY A 133 -8.27 24.17 -15.38
C GLY A 133 -8.52 24.42 -13.89
N ASP A 134 -9.34 23.57 -13.23
CA ASP A 134 -9.78 23.85 -11.86
C ASP A 134 -8.69 23.79 -10.85
N THR A 135 -8.95 24.37 -9.69
CA THR A 135 -8.02 24.21 -8.52
C THR A 135 -8.87 23.61 -7.39
N VAL A 136 -8.28 22.71 -6.58
CA VAL A 136 -9.02 22.04 -5.44
C VAL A 136 -8.25 22.37 -4.20
N TRP A 137 -8.96 22.69 -3.12
CA TRP A 137 -8.32 22.93 -1.79
C TRP A 137 -8.84 21.87 -0.83
N ALA A 138 -8.02 21.51 0.17
CA ALA A 138 -8.41 20.52 1.19
C ALA A 138 -8.26 21.21 2.52
N ASN A 139 -9.17 20.92 3.46
CA ASN A 139 -9.18 21.52 4.78
C ASN A 139 -8.38 20.61 5.70
N THR A 140 -7.13 20.97 6.02
CA THR A 140 -6.30 20.12 6.89
C THR A 140 -6.69 20.15 8.37
N ALA A 141 -7.52 21.11 8.76
CA ALA A 141 -8.08 21.13 10.12
C ALA A 141 -9.24 20.19 10.20
N ALA A 142 -10.14 20.18 9.22
CA ALA A 142 -11.24 19.17 9.26
C ALA A 142 -10.61 17.75 9.25
N ALA A 143 -9.56 17.57 8.44
CA ALA A 143 -8.92 16.23 8.29
C ALA A 143 -8.35 15.71 9.62
N TYR A 144 -7.69 16.60 10.38
CA TYR A 144 -7.18 16.27 11.71
C TYR A 144 -8.37 15.92 12.62
N GLN A 145 -9.42 16.76 12.62
CA GLN A 145 -10.53 16.55 13.59
C GLN A 145 -11.28 15.25 13.39
N GLU A 146 -11.43 14.80 12.15
CA GLU A 146 -12.12 13.52 11.91
C GLU A 146 -11.31 12.23 12.26
N LEU A 147 -10.04 12.33 12.59
CA LEU A 147 -9.28 11.14 12.95
C LEU A 147 -9.80 10.63 14.30
N PRO A 148 -9.92 9.30 14.48
CA PRO A 148 -10.19 8.75 15.82
C PRO A 148 -9.18 9.20 16.80
N GLU A 149 -9.61 9.35 18.05
CA GLU A 149 -8.75 9.94 19.09
C GLU A 149 -7.31 9.36 19.19
N PRO A 150 -7.17 8.04 19.23
CA PRO A 150 -5.82 7.47 19.33
C PRO A 150 -4.90 7.86 18.14
N LEU A 151 -5.48 7.98 16.96
CA LEU A 151 -4.78 8.47 15.79
C LEU A 151 -4.47 9.97 15.86
N ARG A 152 -5.37 10.81 16.38
CA ARG A 152 -5.01 12.22 16.65
C ARG A 152 -3.81 12.25 17.62
N GLU A 153 -3.87 11.41 18.67
CA GLU A 153 -2.79 11.43 19.67
C GLU A 153 -1.48 11.01 19.08
N LEU A 154 -1.49 10.01 18.21
CA LEU A 154 -0.26 9.70 17.50
C LEU A 154 0.16 10.91 16.60
N ALA A 155 -0.79 11.48 15.83
CA ALA A 155 -0.42 12.57 14.86
C ALA A 155 0.23 13.72 15.70
N ASP A 156 -0.28 13.94 16.93
CA ASP A 156 0.20 15.03 17.84
C ASP A 156 1.68 14.91 18.20
N LYS A 157 2.24 13.71 17.98
CA LYS A 157 3.63 13.40 18.33
C LYS A 157 4.59 13.33 17.15
N LEU A 158 4.07 13.25 15.93
CA LEU A 158 4.90 12.98 14.80
C LEU A 158 5.54 14.28 14.34
N TRP A 159 6.76 14.16 13.76
CA TRP A 159 7.50 15.22 13.07
C TRP A 159 7.78 14.67 11.71
N ALA A 160 7.84 15.55 10.72
CA ALA A 160 8.19 15.11 9.38
C ALA A 160 9.30 15.98 8.87
N VAL A 161 10.09 15.41 7.97
CA VAL A 161 11.11 16.20 7.28
C VAL A 161 10.54 16.63 5.91
N HIS A 162 10.54 17.93 5.66
CA HIS A 162 10.05 18.47 4.38
C HIS A 162 11.26 18.97 3.59
N SER A 163 11.25 18.76 2.28
CA SER A 163 12.42 19.08 1.49
C SER A 163 11.98 19.60 0.12
N ASN A 164 12.77 20.47 -0.51
CA ASN A 164 12.52 20.80 -1.90
C ASN A 164 13.20 19.85 -2.90
N GLU A 165 13.86 18.79 -2.45
CA GLU A 165 14.56 17.91 -3.42
C GLU A 165 13.64 16.80 -3.91
N VAL A 191 18.65 23.54 -1.98
CA VAL A 191 18.40 22.28 -1.18
C VAL A 191 18.11 22.57 0.29
N TYR A 192 16.83 22.78 0.60
CA TYR A 192 16.39 23.07 1.97
C TYR A 192 15.73 21.78 2.55
N GLU A 193 16.03 21.44 3.79
CA GLU A 193 15.23 20.50 4.58
C GLU A 193 14.78 21.15 5.87
N THR A 194 13.48 21.06 6.19
CA THR A 194 12.96 21.55 7.45
C THR A 194 12.13 20.46 8.18
N GLU A 195 12.19 20.45 9.53
CA GLU A 195 11.47 19.51 10.33
C GLU A 195 10.31 20.29 10.91
N HIS A 196 9.10 19.82 10.61
CA HIS A 196 7.88 20.38 11.14
C HIS A 196 7.10 19.32 11.92
N PRO A 197 6.38 19.73 12.93
CA PRO A 197 5.40 18.82 13.55
C PRO A 197 4.33 18.47 12.47
N VAL A 198 3.84 17.22 12.52
CA VAL A 198 2.75 16.77 11.67
C VAL A 198 1.43 17.53 12.01
N VAL A 199 1.28 17.99 13.24
CA VAL A 199 0.11 18.74 13.68
C VAL A 199 0.53 20.19 14.05
N ARG A 200 -0.07 21.19 13.37
CA ARG A 200 0.26 22.56 13.67
C ARG A 200 -0.92 23.19 14.38
N VAL A 201 -0.69 23.94 15.46
CA VAL A 201 -1.73 24.64 16.18
C VAL A 201 -1.81 26.02 15.50
N HIS A 202 -2.95 26.32 14.88
CA HIS A 202 -3.08 27.58 14.05
C HIS A 202 -2.93 28.76 15.02
N PRO A 203 -2.10 29.74 14.65
CA PRO A 203 -1.82 30.91 15.56
C PRO A 203 -2.95 31.85 15.83
N ILE A 204 -4.04 31.81 15.03
CA ILE A 204 -5.21 32.70 15.26
C ILE A 204 -6.31 31.93 15.88
N SER A 205 -6.69 30.82 15.26
CA SER A 205 -7.89 30.10 15.63
C SER A 205 -7.57 29.08 16.76
N GLY A 206 -6.29 28.71 16.92
CA GLY A 206 -5.94 27.55 17.75
C GLY A 206 -6.43 26.18 17.23
N GLU A 207 -7.02 26.08 16.05
CA GLU A 207 -7.38 24.78 15.43
C GLU A 207 -6.12 24.00 15.09
N ARG A 208 -6.17 22.70 15.30
CA ARG A 208 -5.02 21.88 14.93
C ARG A 208 -5.22 21.44 13.47
N ALA A 209 -4.14 21.39 12.69
CA ALA A 209 -4.29 21.04 11.28
C ALA A 209 -3.10 20.17 10.93
N LEU A 210 -3.32 19.17 10.05
CA LEU A 210 -2.27 18.31 9.53
C LEU A 210 -1.37 19.10 8.60
N GLN A 211 -0.06 18.90 8.74
CA GLN A 211 0.90 19.63 7.93
C GLN A 211 1.69 18.59 7.19
N LEU A 212 1.30 18.29 5.95
CA LEU A 212 1.84 17.17 5.19
C LEU A 212 2.04 17.63 3.74
N GLY A 213 1.57 16.86 2.76
CA GLY A 213 1.66 17.30 1.35
C GLY A 213 2.92 16.78 0.67
N HIS A 214 3.13 17.14 -0.60
CA HIS A 214 4.20 16.51 -1.35
C HIS A 214 5.66 16.87 -0.94
N PHE A 215 5.90 17.90 -0.13
CA PHE A 215 7.25 18.19 0.25
C PHE A 215 7.66 17.27 1.37
N VAL A 216 6.75 16.54 1.97
CA VAL A 216 7.19 15.61 3.02
C VAL A 216 8.13 14.55 2.42
N LYS A 217 9.35 14.48 2.95
CA LYS A 217 10.32 13.47 2.55
C LYS A 217 10.15 12.19 3.41
N ARG A 218 9.92 12.33 4.71
CA ARG A 218 9.67 11.15 5.51
C ARG A 218 9.19 11.60 6.87
N ILE A 219 8.58 10.68 7.61
CA ILE A 219 8.16 10.95 8.97
C ILE A 219 9.35 10.55 9.84
N LYS A 220 9.85 11.50 10.60
CA LYS A 220 11.06 11.28 11.41
C LYS A 220 10.88 10.12 12.44
N GLY A 221 11.82 9.17 12.49
CA GLY A 221 11.86 8.19 13.57
C GLY A 221 11.30 6.86 13.12
N TYR A 222 10.94 6.72 11.85
CA TYR A 222 10.31 5.46 11.38
C TYR A 222 11.07 4.92 10.24
N SER A 223 10.97 3.62 10.03
CA SER A 223 11.51 3.10 8.80
C SER A 223 10.74 3.70 7.65
N LEU A 224 11.27 3.51 6.46
CA LEU A 224 10.69 3.95 5.23
C LEU A 224 9.30 3.41 4.96
N ALA A 225 9.10 2.12 5.19
CA ALA A 225 7.86 1.49 4.93
C ALA A 225 6.83 2.04 5.92
N ASP A 226 7.19 2.18 7.21
CA ASP A 226 6.24 2.63 8.23
C ASP A 226 5.86 4.12 7.87
N SER A 227 6.88 4.91 7.52
CA SER A 227 6.71 6.32 7.19
C SER A 227 5.70 6.46 6.05
N GLN A 228 5.78 5.59 5.04
CA GLN A 228 4.84 5.64 3.89
C GLN A 228 3.45 5.27 4.26
N HIS A 229 3.28 4.21 5.08
CA HIS A 229 1.93 3.90 5.56
C HIS A 229 1.30 4.98 6.42
N LEU A 230 2.06 5.51 7.37
CA LEU A 230 1.52 6.54 8.26
C LEU A 230 1.20 7.80 7.45
N PHE A 231 2.08 8.20 6.52
CA PHE A 231 1.78 9.35 5.61
C PHE A 231 0.52 9.08 4.79
N ALA A 232 0.41 7.86 4.24
CA ALA A 232 -0.73 7.50 3.44
C ALA A 232 -2.05 7.60 4.24
N VAL A 233 -2.04 7.17 5.50
CA VAL A 233 -3.24 7.32 6.33
C VAL A 233 -3.63 8.81 6.49
N LEU A 234 -2.66 9.61 6.91
CA LEU A 234 -2.98 10.99 7.37
C LEU A 234 -3.28 11.83 6.14
N GLN A 235 -2.39 11.77 5.15
CA GLN A 235 -2.63 12.44 3.86
C GLN A 235 -3.95 11.99 3.20
N GLY A 236 -4.33 10.69 3.33
CA GLY A 236 -5.59 10.27 2.71
C GLY A 236 -6.82 10.93 3.36
N HIS A 237 -6.70 11.32 4.63
CA HIS A 237 -7.81 12.06 5.26
C HIS A 237 -7.90 13.52 4.73
N VAL A 238 -6.73 14.12 4.48
CA VAL A 238 -6.67 15.44 3.87
C VAL A 238 -7.47 15.43 2.55
N THR A 239 -7.18 14.51 1.65
CA THR A 239 -7.70 14.60 0.33
C THR A 239 -9.01 13.87 0.16
N ARG A 240 -9.58 13.28 1.22
CA ARG A 240 -10.90 12.67 1.15
C ARG A 240 -11.87 13.72 0.56
N LEU A 241 -12.69 13.38 -0.43
CA LEU A 241 -13.54 14.36 -1.15
C LEU A 241 -14.26 15.29 -0.22
N GLU A 242 -14.75 14.73 0.88
CA GLU A 242 -15.58 15.52 1.81
C GLU A 242 -14.81 16.68 2.41
N ASN A 243 -13.47 16.59 2.44
CA ASN A 243 -12.64 17.69 3.07
C ASN A 243 -12.15 18.70 2.00
N THR A 244 -12.69 18.62 0.75
CA THR A 244 -12.19 19.45 -0.35
C THR A 244 -13.28 20.34 -1.02
N VAL A 245 -12.82 21.43 -1.67
CA VAL A 245 -13.68 22.18 -2.54
C VAL A 245 -12.96 22.36 -3.84
N ARG A 246 -13.68 22.25 -4.97
CA ARG A 246 -13.07 22.40 -6.28
C ARG A 246 -13.62 23.70 -6.89
N TRP A 247 -12.76 24.52 -7.50
CA TRP A 247 -13.28 25.79 -8.06
C TRP A 247 -12.97 25.79 -9.52
N ARG A 248 -13.94 26.20 -10.30
CA ARG A 248 -13.81 26.33 -11.76
C ARG A 248 -13.62 27.82 -12.05
N TRP A 249 -12.46 28.19 -12.56
CA TRP A 249 -12.11 29.60 -12.63
C TRP A 249 -12.75 30.29 -13.88
N GLU A 250 -13.20 31.51 -13.73
CA GLU A 250 -13.45 32.44 -14.84
C GLU A 250 -12.53 33.64 -14.62
N ALA A 251 -12.15 34.31 -15.71
CA ALA A 251 -11.24 35.45 -15.66
C ALA A 251 -11.86 36.43 -14.70
N GLY A 252 -11.04 36.98 -13.85
CA GLY A 252 -11.53 37.94 -12.87
C GLY A 252 -11.84 37.33 -11.49
N ASP A 253 -11.88 36.01 -11.38
CA ASP A 253 -11.97 35.30 -10.09
C ASP A 253 -10.68 35.54 -9.27
N VAL A 254 -10.85 35.68 -7.98
CA VAL A 254 -9.70 35.77 -7.10
C VAL A 254 -9.98 34.78 -5.96
N ALA A 255 -8.94 34.02 -5.58
CA ALA A 255 -9.11 33.15 -4.44
C ALA A 255 -8.03 33.58 -3.49
N ILE A 256 -8.34 33.41 -2.21
CA ILE A 256 -7.40 33.61 -1.13
C ILE A 256 -7.51 32.40 -0.22
N TRP A 257 -6.39 31.80 0.12
CA TRP A 257 -6.49 30.65 1.00
C TRP A 257 -5.55 30.74 2.23
N ASP A 258 -5.97 30.11 3.32
CA ASP A 258 -5.14 30.02 4.52
C ASP A 258 -4.20 28.83 4.38
N ASN A 259 -2.96 29.14 4.04
CA ASN A 259 -1.93 28.09 3.83
C ASN A 259 -1.55 27.33 5.10
N ARG A 260 -1.89 27.89 6.24
CA ARG A 260 -1.66 27.14 7.49
C ARG A 260 -2.66 25.96 7.72
N ALA A 261 -3.77 25.92 6.97
CA ALA A 261 -4.80 24.94 7.23
C ALA A 261 -5.36 24.35 5.96
N THR A 262 -4.59 24.34 4.88
CA THR A 262 -5.04 23.75 3.62
C THR A 262 -3.86 23.13 2.92
N GLN A 263 -4.19 22.30 1.92
CA GLN A 263 -3.31 21.96 0.79
C GLN A 263 -4.13 22.31 -0.50
N HIS A 264 -3.49 22.35 -1.65
CA HIS A 264 -4.22 22.56 -2.87
C HIS A 264 -3.56 21.72 -3.96
N TYR A 265 -4.24 21.65 -5.11
CA TYR A 265 -3.86 20.85 -6.25
C TYR A 265 -4.43 21.58 -7.46
N ALA A 266 -3.66 21.72 -8.52
CA ALA A 266 -4.17 22.34 -9.77
C ALA A 266 -4.44 21.24 -10.79
N VAL A 267 -5.70 21.14 -11.25
CA VAL A 267 -6.08 20.01 -12.13
C VAL A 267 -5.52 20.16 -13.54
N ASP A 268 -4.71 19.20 -13.98
CA ASP A 268 -4.11 19.36 -15.28
C ASP A 268 -4.89 18.62 -16.34
N ASP A 269 -6.08 19.10 -16.64
CA ASP A 269 -6.96 18.42 -17.57
C ASP A 269 -7.30 19.29 -18.80
N TYR A 270 -6.54 20.36 -19.01
CA TYR A 270 -6.92 21.39 -19.99
C TYR A 270 -6.04 21.44 -21.23
N GLY A 271 -5.07 20.55 -21.34
CA GLY A 271 -4.29 20.42 -22.60
C GLY A 271 -3.51 21.70 -22.92
N THR A 272 -3.66 22.22 -24.14
CA THR A 272 -2.90 23.39 -24.56
C THR A 272 -3.76 24.65 -24.42
N GLN A 273 -4.96 24.55 -23.86
CA GLN A 273 -5.71 25.76 -23.58
C GLN A 273 -4.88 26.62 -22.62
N PRO A 274 -4.63 27.88 -22.98
CA PRO A 274 -3.86 28.79 -22.11
C PRO A 274 -4.53 28.98 -20.75
N ARG A 275 -3.72 28.94 -19.71
CA ARG A 275 -4.20 29.18 -18.34
C ARG A 275 -3.16 30.11 -17.71
N ILE A 276 -3.59 31.29 -17.28
CA ILE A 276 -2.62 32.15 -16.67
C ILE A 276 -3.25 32.76 -15.44
N VAL A 277 -2.51 32.65 -14.33
CA VAL A 277 -2.93 33.16 -13.06
C VAL A 277 -1.80 34.01 -12.47
N ARG A 278 -2.15 34.98 -11.62
CA ARG A 278 -1.11 35.77 -10.95
C ARG A 278 -1.32 35.75 -9.44
N ARG A 279 -0.22 35.61 -8.73
CA ARG A 279 -0.25 35.31 -7.31
C ARG A 279 0.61 36.24 -6.47
N VAL A 280 0.08 36.64 -5.32
CA VAL A 280 0.85 37.24 -4.28
C VAL A 280 0.78 36.33 -3.04
N THR A 281 1.94 36.02 -2.52
CA THR A 281 2.13 35.25 -1.32
C THR A 281 2.47 36.13 -0.11
N LEU A 282 1.87 35.81 1.03
CA LEU A 282 2.06 36.58 2.27
C LEU A 282 2.93 35.79 3.26
N ALA A 283 3.86 36.47 3.93
CA ALA A 283 4.80 35.86 4.87
C ALA A 283 4.06 35.24 6.08
N GLY A 284 4.52 34.06 6.49
CA GLY A 284 3.88 33.40 7.62
C GLY A 284 4.82 33.23 8.81
N GLU A 285 4.32 32.58 9.85
CA GLU A 285 5.06 32.38 11.10
C GLU A 285 5.72 31.00 11.15
N VAL A 286 6.66 30.83 12.08
CA VAL A 286 7.21 29.48 12.36
C VAL A 286 6.09 28.63 12.97
N PRO A 287 5.75 27.49 12.42
CA PRO A 287 4.73 26.63 13.07
C PRO A 287 5.03 26.29 14.49
N VAL A 288 3.98 26.15 15.32
CA VAL A 288 4.09 25.68 16.70
C VAL A 288 3.28 24.37 16.80
N GLY A 289 3.87 23.31 17.36
CA GLY A 289 3.16 22.02 17.50
C GLY A 289 2.35 21.98 18.79
N VAL A 290 1.74 20.83 19.04
CA VAL A 290 0.77 20.67 20.15
C VAL A 290 1.44 20.83 21.52
N ASP A 291 2.68 20.38 21.64
CA ASP A 291 3.42 20.59 22.92
C ASP A 291 4.22 21.94 22.95
N GLY A 292 4.05 22.84 21.99
CA GLY A 292 4.70 24.17 22.01
C GLY A 292 6.02 24.21 21.27
N GLN A 293 6.48 23.08 20.75
CA GLN A 293 7.78 23.07 20.06
C GLN A 293 7.67 23.75 18.70
N LEU A 294 8.77 24.31 18.17
CA LEU A 294 8.79 25.03 16.90
C LEU A 294 9.46 24.25 15.79
N SER A 295 9.07 24.50 14.55
CA SER A 295 9.75 23.87 13.41
C SER A 295 11.19 24.37 13.39
N ARG A 296 12.07 23.68 12.68
CA ARG A 296 13.47 24.08 12.63
C ARG A 296 14.05 23.58 11.32
N THR A 297 14.68 24.47 10.59
CA THR A 297 15.44 24.08 9.41
C THR A 297 16.69 23.28 9.81
N THR A 298 16.99 22.19 9.10
CA THR A 298 18.11 21.34 9.43
C THR A 298 19.18 21.27 8.33
N ARG A 299 18.83 21.70 7.12
CA ARG A 299 19.74 21.66 6.00
C ARG A 299 19.57 22.89 5.09
N LYS A 300 20.72 23.32 4.52
CA LYS A 300 20.99 24.58 3.78
C LYS A 300 19.82 25.55 3.62
N LEU B 13 17.35 -25.65 38.23
CA LEU B 13 17.70 -26.60 37.12
C LEU B 13 17.97 -25.83 35.85
N GLU B 14 19.12 -26.13 35.28
CA GLU B 14 19.52 -25.46 34.05
C GLU B 14 19.55 -26.51 32.94
N LEU B 15 18.75 -26.32 31.91
CA LEU B 15 18.71 -27.22 30.79
C LEU B 15 19.83 -26.86 29.87
N ASP B 16 20.16 -27.79 28.98
CA ASP B 16 21.19 -27.58 27.95
C ASP B 16 20.55 -26.79 26.79
N VAL B 17 20.52 -25.46 26.86
CA VAL B 17 19.69 -24.61 25.92
C VAL B 17 20.57 -23.91 24.89
N HIS B 18 20.22 -23.96 23.58
CA HIS B 18 21.07 -23.38 22.56
C HIS B 18 20.19 -22.51 21.63
N PRO B 19 20.23 -21.20 21.83
CA PRO B 19 19.52 -20.26 20.98
C PRO B 19 19.76 -20.54 19.52
N VAL B 20 18.70 -20.44 18.75
CA VAL B 20 18.71 -20.70 17.30
C VAL B 20 18.90 -19.37 16.48
N ALA B 21 18.02 -18.39 16.61
CA ALA B 21 18.14 -17.07 15.95
C ALA B 21 18.40 -16.05 17.09
N GLY B 22 18.77 -14.84 16.76
CA GLY B 22 19.14 -13.88 17.77
C GLY B 22 18.00 -13.53 18.72
N ARG B 23 16.72 -13.52 18.26
CA ARG B 23 15.62 -12.90 19.00
C ARG B 23 14.47 -13.86 19.26
N ILE B 24 14.62 -15.14 18.85
CA ILE B 24 13.60 -16.12 19.05
C ILE B 24 14.17 -17.55 18.77
N GLY B 25 13.69 -18.58 19.50
CA GLY B 25 13.97 -19.96 19.17
C GLY B 25 15.12 -20.49 19.98
N ALA B 26 14.95 -21.73 20.54
CA ALA B 26 16.08 -22.39 21.28
C ALA B 26 15.98 -23.90 21.15
N GLU B 27 17.10 -24.58 20.85
CA GLU B 27 17.04 -26.08 20.87
C GLU B 27 17.36 -26.48 22.29
N ILE B 28 16.61 -27.44 22.82
CA ILE B 28 16.99 -27.99 24.15
C ILE B 28 17.50 -29.42 23.96
N ARG B 29 18.73 -29.66 24.37
CA ARG B 29 19.36 -31.00 24.26
C ARG B 29 19.32 -31.78 25.59
N GLY B 30 19.47 -33.10 25.52
CA GLY B 30 19.65 -33.88 26.71
C GLY B 30 18.34 -34.15 27.41
N VAL B 31 17.20 -33.94 26.72
CA VAL B 31 15.90 -34.21 27.28
C VAL B 31 15.09 -35.14 26.38
N LYS B 32 14.68 -36.30 26.92
CA LYS B 32 13.77 -37.22 26.25
C LYS B 32 12.37 -36.89 26.66
N LEU B 33 11.56 -36.33 25.75
CA LEU B 33 10.19 -35.99 26.12
C LEU B 33 9.38 -37.26 26.46
N SER B 34 8.57 -37.20 27.50
CA SER B 34 7.61 -38.30 27.79
C SER B 34 6.65 -37.89 28.87
N PRO B 35 5.65 -38.75 29.14
CA PRO B 35 4.66 -38.49 30.20
C PRO B 35 5.23 -38.56 31.59
N ASP B 36 6.45 -39.08 31.72
CA ASP B 36 7.16 -39.32 33.00
C ASP B 36 8.23 -38.30 33.39
N LEU B 37 8.42 -37.25 32.58
CA LEU B 37 9.33 -36.15 32.97
C LEU B 37 9.06 -35.62 34.39
N ASP B 38 10.12 -35.44 35.21
CA ASP B 38 9.91 -34.92 36.57
C ASP B 38 9.45 -33.41 36.54
N ALA B 39 8.92 -32.92 37.65
CA ALA B 39 8.37 -31.57 37.74
C ALA B 39 9.39 -30.41 37.48
N ALA B 40 10.65 -30.64 37.87
CA ALA B 40 11.75 -29.66 37.75
C ALA B 40 12.03 -29.51 36.23
N THR B 41 12.10 -30.64 35.53
CA THR B 41 12.28 -30.59 34.07
C THR B 41 11.14 -29.84 33.34
N VAL B 42 9.90 -30.19 33.67
CA VAL B 42 8.76 -29.56 33.08
C VAL B 42 8.74 -28.04 33.39
N GLU B 43 9.08 -27.67 34.63
CA GLU B 43 9.08 -26.28 35.00
C GLU B 43 10.17 -25.52 34.13
N ALA B 44 11.33 -26.14 33.93
CA ALA B 44 12.43 -25.52 33.22
C ALA B 44 12.07 -25.43 31.72
N ILE B 45 11.36 -26.40 31.19
CA ILE B 45 10.80 -26.36 29.82
C ILE B 45 9.79 -25.21 29.64
N GLN B 46 8.90 -25.04 30.60
CA GLN B 46 7.89 -23.97 30.56
C GLN B 46 8.60 -22.61 30.62
N ALA B 47 9.61 -22.44 31.49
CA ALA B 47 10.37 -21.18 31.52
C ALA B 47 11.11 -20.90 30.17
N ALA B 48 11.69 -21.95 29.58
CA ALA B 48 12.39 -21.87 28.30
C ALA B 48 11.42 -21.42 27.23
N LEU B 49 10.21 -21.94 27.27
CA LEU B 49 9.20 -21.67 26.30
C LEU B 49 8.78 -20.16 26.37
N VAL B 50 8.57 -19.66 27.59
CA VAL B 50 8.20 -18.25 27.80
C VAL B 50 9.34 -17.35 27.26
N ARG B 51 10.58 -17.67 27.64
CA ARG B 51 11.69 -16.93 27.29
C ARG B 51 11.97 -16.92 25.77
N HIS B 52 11.93 -18.07 25.10
CA HIS B 52 12.40 -18.17 23.72
C HIS B 52 11.29 -18.28 22.70
N LYS B 53 10.06 -18.49 23.21
CA LYS B 53 8.82 -18.40 22.42
C LYS B 53 8.55 -19.65 21.57
N VAL B 54 9.61 -20.25 21.01
CA VAL B 54 9.45 -21.61 20.41
C VAL B 54 10.74 -22.38 20.78
N ILE B 55 10.57 -23.63 21.20
CA ILE B 55 11.72 -24.48 21.56
C ILE B 55 11.66 -25.76 20.79
N PHE B 56 12.84 -26.33 20.59
CA PHE B 56 13.00 -27.48 19.72
C PHE B 56 13.71 -28.63 20.45
N PHE B 57 13.26 -29.85 20.20
CA PHE B 57 13.83 -31.11 20.79
C PHE B 57 14.00 -32.03 19.60
N ARG B 58 15.22 -32.37 19.27
CA ARG B 58 15.53 -33.30 18.17
C ARG B 58 15.72 -34.71 18.68
N GLY B 59 15.58 -35.71 17.80
CA GLY B 59 15.90 -37.11 18.12
C GLY B 59 14.88 -37.81 19.04
N GLN B 60 13.63 -37.35 19.01
CA GLN B 60 12.61 -37.87 19.90
C GLN B 60 11.96 -39.10 19.25
N THR B 61 12.80 -40.06 18.94
CA THR B 61 12.31 -41.18 18.09
C THR B 61 11.44 -42.21 18.83
N HIS B 62 11.51 -42.18 20.16
CA HIS B 62 10.73 -42.99 21.07
C HIS B 62 9.34 -42.42 21.27
N LEU B 63 9.11 -41.15 20.86
CA LEU B 63 7.89 -40.43 21.20
C LEU B 63 6.71 -40.75 20.31
N ASP B 64 5.88 -41.72 20.67
CA ASP B 64 4.81 -42.07 19.79
C ASP B 64 3.55 -41.25 20.11
N ASP B 65 2.46 -41.59 19.44
CA ASP B 65 1.23 -40.86 19.56
C ASP B 65 0.75 -40.71 21.03
N GLN B 66 0.66 -41.84 21.75
CA GLN B 66 0.20 -41.82 23.17
C GLN B 66 1.18 -41.07 24.06
N SER B 67 2.47 -41.27 23.83
CA SER B 67 3.42 -40.61 24.69
C SER B 67 3.51 -39.04 24.40
N GLN B 68 3.24 -38.62 23.15
CA GLN B 68 3.17 -37.18 22.81
C GLN B 68 2.00 -36.56 23.57
N GLU B 69 0.85 -37.22 23.52
CA GLU B 69 -0.34 -36.81 24.24
C GLU B 69 -0.12 -36.81 25.81
N GLY B 70 0.47 -37.88 26.37
CA GLY B 70 0.76 -37.88 27.80
C GLY B 70 1.76 -36.79 28.17
N PHE B 71 2.75 -36.55 27.31
CA PHE B 71 3.72 -35.48 27.63
C PHE B 71 3.03 -34.12 27.65
N ALA B 72 2.10 -33.95 26.71
CA ALA B 72 1.41 -32.71 26.53
C ALA B 72 0.58 -32.31 27.76
N LYS B 73 0.01 -33.31 28.44
CA LYS B 73 -0.81 -33.06 29.60
C LYS B 73 0.04 -32.52 30.76
N LEU B 74 1.36 -32.66 30.67
CA LEU B 74 2.21 -32.11 31.71
C LEU B 74 2.30 -30.61 31.56
N LEU B 75 1.94 -30.07 30.38
CA LEU B 75 2.15 -28.63 30.10
C LEU B 75 0.86 -27.82 30.18
N GLY B 76 -0.28 -28.50 30.11
CA GLY B 76 -1.57 -27.83 30.02
C GLY B 76 -2.67 -28.84 29.73
N GLU B 77 -3.87 -28.37 29.43
CA GLU B 77 -5.02 -29.21 29.15
C GLU B 77 -5.20 -29.22 27.64
N PRO B 78 -5.01 -30.40 27.03
CA PRO B 78 -5.18 -30.52 25.60
C PRO B 78 -6.61 -30.14 25.23
N VAL B 79 -6.79 -29.58 24.06
CA VAL B 79 -8.13 -29.22 23.67
C VAL B 79 -8.68 -30.25 22.68
N ALA B 80 -9.91 -30.68 22.93
CA ALA B 80 -10.76 -31.42 21.98
C ALA B 80 -11.32 -30.47 20.91
N PRO B 85 -11.73 -35.36 13.74
CA PRO B 85 -11.04 -36.67 13.65
C PRO B 85 -9.58 -36.60 14.15
N VAL B 86 -9.31 -37.37 15.20
CA VAL B 86 -8.04 -37.32 15.88
C VAL B 86 -7.35 -38.59 15.41
N VAL B 87 -6.06 -38.68 15.65
CA VAL B 87 -5.31 -39.85 15.34
C VAL B 87 -5.85 -41.02 16.20
N ASP B 88 -6.03 -42.18 15.54
CA ASP B 88 -6.52 -43.39 16.21
C ASP B 88 -5.67 -43.76 17.40
N GLY B 89 -6.34 -44.15 18.49
CA GLY B 89 -5.65 -44.49 19.73
C GLY B 89 -5.32 -43.24 20.55
N THR B 90 -5.83 -42.06 20.12
CA THR B 90 -5.64 -40.87 20.99
C THR B 90 -6.93 -40.12 21.13
N ARG B 91 -6.93 -39.17 22.07
CA ARG B 91 -8.07 -38.28 22.29
C ARG B 91 -7.85 -36.94 21.62
N TYR B 92 -6.61 -36.46 21.58
CA TYR B 92 -6.38 -35.04 21.22
C TYR B 92 -5.41 -34.78 20.06
N LEU B 93 -4.78 -35.84 19.55
CA LEU B 93 -3.71 -35.67 18.60
C LEU B 93 -4.33 -35.44 17.22
N LEU B 94 -3.86 -34.41 16.55
CA LEU B 94 -4.34 -34.10 15.24
C LEU B 94 -3.19 -34.28 14.24
N GLN B 95 -3.48 -34.94 13.12
CA GLN B 95 -2.50 -35.10 12.02
C GLN B 95 -2.69 -34.02 10.93
N LEU B 96 -1.58 -33.36 10.54
CA LEU B 96 -1.63 -32.38 9.45
C LEU B 96 -0.80 -32.94 8.28
N ASP B 97 -1.44 -33.15 7.14
CA ASP B 97 -0.71 -33.69 6.02
C ASP B 97 -1.16 -33.12 4.66
N ARG B 103 -2.63 -27.02 3.22
CA ARG B 103 -1.37 -26.41 3.72
C ARG B 103 -1.40 -24.86 4.03
N ALA B 104 -0.79 -24.44 5.17
CA ALA B 104 -0.97 -23.16 5.88
C ALA B 104 0.21 -22.13 5.77
N ASN B 105 0.47 -21.68 4.56
CA ASN B 105 1.62 -20.84 4.29
C ASN B 105 1.11 -19.38 4.38
N SER B 106 0.71 -19.00 5.61
CA SER B 106 0.16 -17.69 5.82
C SER B 106 0.32 -17.43 7.29
N TRP B 107 0.76 -16.23 7.66
CA TRP B 107 1.17 -15.92 9.03
C TRP B 107 0.00 -15.78 9.92
N HIS B 108 -0.01 -16.53 11.03
CA HIS B 108 -1.15 -16.40 11.91
C HIS B 108 -0.83 -16.82 13.34
N THR B 109 -1.62 -16.36 14.29
CA THR B 109 -1.62 -16.92 15.66
C THR B 109 -2.79 -17.90 15.73
N ASP B 110 -2.66 -18.99 16.48
CA ASP B 110 -3.67 -20.07 16.29
C ASP B 110 -5.03 -19.71 16.82
N VAL B 111 -6.05 -19.98 16.02
CA VAL B 111 -7.46 -19.92 16.46
C VAL B 111 -7.85 -18.59 17.09
N THR B 112 -7.32 -17.45 16.63
CA THR B 112 -7.60 -16.20 17.37
C THR B 112 -9.03 -15.64 17.13
N PHE B 113 -9.81 -16.30 16.27
CA PHE B 113 -11.24 -15.94 16.10
C PHE B 113 -12.06 -16.37 17.29
N VAL B 114 -11.50 -17.14 18.22
CA VAL B 114 -12.20 -17.37 19.48
C VAL B 114 -11.58 -16.58 20.63
N GLU B 115 -12.29 -16.57 21.76
CA GLU B 115 -11.98 -15.74 22.86
C GLU B 115 -10.77 -16.25 23.67
N ALA B 116 -10.82 -17.51 24.14
CA ALA B 116 -9.72 -18.04 24.91
C ALA B 116 -8.99 -19.02 23.97
N TYR B 117 -8.13 -18.47 23.07
CA TYR B 117 -7.52 -19.31 22.01
C TYR B 117 -6.33 -20.07 22.67
N PRO B 118 -5.77 -21.09 22.01
CA PRO B 118 -4.71 -21.94 22.64
C PRO B 118 -3.50 -21.15 23.19
N LYS B 119 -2.94 -21.61 24.29
CA LYS B 119 -1.73 -20.97 24.80
C LYS B 119 -0.47 -21.56 24.13
N ALA B 120 -0.59 -22.75 23.56
CA ALA B 120 0.60 -23.53 23.01
C ALA B 120 0.19 -24.68 22.12
N SER B 121 1.12 -25.14 21.26
CA SER B 121 1.00 -26.40 20.55
C SER B 121 2.30 -27.16 20.69
N ILE B 122 2.21 -28.50 20.62
CA ILE B 122 3.36 -29.40 20.72
C ILE B 122 3.28 -30.11 19.43
N LEU B 123 4.31 -29.96 18.61
CA LEU B 123 4.21 -30.48 17.23
C LEU B 123 5.36 -31.42 16.89
N ARG B 124 5.04 -32.63 16.42
CA ARG B 124 6.05 -33.64 16.16
C ARG B 124 6.11 -33.92 14.67
N SER B 125 7.32 -34.00 14.09
CA SER B 125 7.51 -34.40 12.70
C SER B 125 7.49 -35.94 12.58
N VAL B 126 6.56 -36.47 11.80
CA VAL B 126 6.40 -37.94 11.53
C VAL B 126 7.10 -38.28 10.17
N VAL B 127 6.77 -37.50 9.15
CA VAL B 127 7.46 -37.64 7.86
C VAL B 127 7.90 -36.23 7.44
N ALA B 128 9.20 -36.07 7.21
CA ALA B 128 9.78 -34.77 6.84
C ALA B 128 10.32 -34.81 5.38
N PRO B 129 9.87 -33.92 4.46
CA PRO B 129 10.52 -33.85 3.10
C PRO B 129 12.00 -33.72 3.18
N ALA B 130 12.68 -34.37 2.25
CA ALA B 130 14.13 -34.29 2.13
C ALA B 130 14.54 -32.87 1.81
N SER B 131 13.69 -32.13 1.08
CA SER B 131 14.04 -30.73 0.93
C SER B 131 12.77 -29.88 0.99
N GLY B 132 12.87 -28.74 1.62
CA GLY B 132 11.66 -27.92 1.80
C GLY B 132 10.96 -28.36 3.10
N GLY B 133 9.79 -27.75 3.38
CA GLY B 133 8.91 -28.21 4.39
C GLY B 133 9.03 -27.47 5.71
N ASP B 134 9.78 -26.33 5.71
CA ASP B 134 10.14 -25.66 6.99
C ASP B 134 8.92 -25.04 7.63
N THR B 135 9.09 -24.69 8.90
CA THR B 135 8.12 -23.81 9.58
C THR B 135 8.90 -22.66 10.09
N VAL B 136 8.27 -21.47 10.12
CA VAL B 136 8.90 -20.24 10.63
C VAL B 136 8.01 -19.71 11.76
N TRP B 137 8.60 -19.14 12.80
CA TRP B 137 7.81 -18.54 13.86
C TRP B 137 8.34 -17.10 13.96
N ALA B 138 7.47 -16.18 14.37
CA ALA B 138 7.82 -14.76 14.67
C ALA B 138 7.50 -14.43 16.13
N ASN B 139 8.34 -13.62 16.74
CA ASN B 139 8.24 -13.22 18.09
C ASN B 139 7.41 -11.94 18.17
N THR B 140 6.13 -12.03 18.56
CA THR B 140 5.31 -10.81 18.53
C THR B 140 5.50 -9.90 19.74
N ALA B 141 6.25 -10.40 20.75
CA ALA B 141 6.67 -9.60 21.87
C ALA B 141 7.84 -8.70 21.42
N ALA B 142 8.82 -9.26 20.70
CA ALA B 142 9.97 -8.44 20.13
C ALA B 142 9.44 -7.42 19.17
N ALA B 143 8.46 -7.81 18.36
CA ALA B 143 7.88 -6.94 17.37
C ALA B 143 7.24 -5.72 18.06
N TYR B 144 6.55 -5.93 19.17
CA TYR B 144 5.94 -4.82 19.95
C TYR B 144 7.03 -3.88 20.50
N GLN B 145 8.06 -4.48 21.10
CA GLN B 145 9.09 -3.70 21.78
C GLN B 145 9.89 -2.83 20.84
N GLU B 146 10.11 -3.27 19.60
CA GLU B 146 10.87 -2.47 18.71
C GLU B 146 10.10 -1.28 18.12
N LEU B 147 8.79 -1.19 18.29
CA LEU B 147 8.04 -0.05 17.66
C LEU B 147 8.49 1.26 18.40
N PRO B 148 8.59 2.40 17.71
CA PRO B 148 8.79 3.71 18.42
C PRO B 148 7.68 3.97 19.39
N GLU B 149 8.01 4.66 20.47
CA GLU B 149 7.07 4.83 21.58
C GLU B 149 5.68 5.31 21.19
N PRO B 150 5.57 6.34 20.36
CA PRO B 150 4.19 6.82 20.01
C PRO B 150 3.38 5.71 19.33
N LEU B 151 4.05 4.89 18.55
CA LEU B 151 3.39 3.80 17.85
C LEU B 151 3.01 2.64 18.79
N ARG B 152 3.85 2.35 19.81
CA ARG B 152 3.44 1.38 20.89
C ARG B 152 2.19 1.93 21.61
N GLU B 153 2.17 3.25 21.87
CA GLU B 153 1.01 3.88 22.57
C GLU B 153 -0.21 3.77 21.72
N LEU B 154 -0.10 3.98 20.42
CA LEU B 154 -1.28 3.73 19.56
C LEU B 154 -1.69 2.23 19.63
N ALA B 155 -0.73 1.34 19.41
CA ALA B 155 -1.08 -0.14 19.40
C ALA B 155 -1.78 -0.53 20.67
N ASP B 156 -1.35 0.04 21.81
CA ASP B 156 -1.95 -0.23 23.17
C ASP B 156 -3.41 0.11 23.22
N LYS B 157 -3.91 0.88 22.24
CA LYS B 157 -5.33 1.30 22.26
C LYS B 157 -6.18 0.63 21.19
N LEU B 158 -5.57 0.02 20.20
CA LEU B 158 -6.32 -0.58 19.13
C LEU B 158 -6.93 -1.95 19.54
N TRP B 159 -8.06 -2.27 18.93
CA TRP B 159 -8.77 -3.56 19.03
C TRP B 159 -8.98 -4.01 17.63
N ALA B 160 -8.98 -5.31 17.41
CA ALA B 160 -9.18 -5.86 16.08
C ALA B 160 -10.26 -6.92 16.14
N VAL B 161 -10.96 -7.09 15.02
CA VAL B 161 -11.96 -8.14 14.92
C VAL B 161 -11.29 -9.32 14.21
N HIS B 162 -11.26 -10.47 14.88
CA HIS B 162 -10.82 -11.71 14.26
C HIS B 162 -11.99 -12.59 13.89
N SER B 163 -11.87 -13.25 12.75
CA SER B 163 -12.94 -14.07 12.20
C SER B 163 -12.36 -15.30 11.50
N ASN B 164 -13.14 -16.40 11.52
CA ASN B 164 -12.82 -17.59 10.73
C ASN B 164 -13.29 -17.52 9.27
N GLU B 165 -13.81 -16.38 8.83
CA GLU B 165 -14.01 -15.98 7.38
C GLU B 165 -15.50 -16.04 7.06
N VAL B 191 -19.54 -19.72 11.79
CA VAL B 191 -18.76 -18.46 11.85
C VAL B 191 -18.66 -17.79 13.21
N TYR B 192 -17.41 -17.54 13.60
CA TYR B 192 -17.04 -16.89 14.88
C TYR B 192 -16.35 -15.55 14.60
N GLU B 193 -16.72 -14.51 15.32
CA GLU B 193 -15.99 -13.21 15.31
C GLU B 193 -15.67 -12.80 16.73
N THR B 194 -14.40 -12.51 17.01
CA THR B 194 -13.98 -12.08 18.36
C THR B 194 -13.18 -10.79 18.29
N GLU B 195 -13.33 -9.96 19.32
CA GLU B 195 -12.68 -8.69 19.38
C GLU B 195 -11.60 -8.86 20.41
N HIS B 196 -10.34 -8.64 19.95
CA HIS B 196 -9.17 -8.74 20.82
C HIS B 196 -8.44 -7.39 20.81
N PRO B 197 -7.84 -7.03 21.93
CA PRO B 197 -6.88 -5.93 21.93
C PRO B 197 -5.72 -6.31 20.98
N VAL B 198 -5.20 -5.32 20.26
CA VAL B 198 -4.01 -5.52 19.43
C VAL B 198 -2.73 -5.86 20.27
N VAL B 199 -2.68 -5.42 21.54
CA VAL B 199 -1.58 -5.65 22.40
C VAL B 199 -2.09 -6.50 23.59
N ARG B 200 -1.48 -7.68 23.74
CA ARG B 200 -1.90 -8.62 24.77
C ARG B 200 -0.81 -8.55 25.77
N VAL B 201 -1.18 -8.47 27.07
CA VAL B 201 -0.18 -8.56 28.18
C VAL B 201 -0.06 -10.06 28.62
N HIS B 202 1.10 -10.67 28.39
CA HIS B 202 1.26 -12.13 28.58
C HIS B 202 0.94 -12.46 30.05
N PRO B 203 0.11 -13.48 30.32
CA PRO B 203 -0.31 -13.72 31.74
C PRO B 203 0.76 -14.31 32.63
N ILE B 204 1.92 -14.75 32.11
CA ILE B 204 3.01 -15.21 32.97
C ILE B 204 4.11 -14.16 33.03
N SER B 205 4.56 -13.67 31.85
CA SER B 205 5.77 -12.86 31.88
C SER B 205 5.41 -11.37 32.01
N GLY B 206 4.16 -10.98 31.71
CA GLY B 206 3.80 -9.53 31.64
C GLY B 206 4.29 -8.86 30.35
N GLU B 207 4.93 -9.60 29.44
CA GLU B 207 5.45 -8.97 28.22
C GLU B 207 4.28 -8.65 27.33
N ARG B 208 4.27 -7.50 26.67
CA ARG B 208 3.23 -7.17 25.77
C ARG B 208 3.59 -7.71 24.36
N ALA B 209 2.60 -8.17 23.62
CA ALA B 209 2.89 -8.76 22.37
C ALA B 209 1.76 -8.40 21.42
N LEU B 210 2.08 -8.24 20.14
CA LEU B 210 1.06 -7.89 19.13
C LEU B 210 0.22 -9.11 18.82
N GLN B 211 -1.10 -8.96 18.74
CA GLN B 211 -2.02 -10.09 18.45
C GLN B 211 -2.66 -9.78 17.14
N LEU B 212 -2.15 -10.35 16.05
CA LEU B 212 -2.61 -9.97 14.70
C LEU B 212 -2.72 -11.22 13.85
N GLY B 213 -2.13 -11.22 12.64
CA GLY B 213 -2.10 -12.39 11.79
C GLY B 213 -3.32 -12.54 10.94
N HIS B 214 -3.46 -13.66 10.22
CA HIS B 214 -4.36 -13.65 9.07
C HIS B 214 -5.85 -13.73 9.51
N PHE B 215 -6.14 -14.08 10.76
CA PHE B 215 -7.57 -14.08 11.14
C PHE B 215 -8.07 -12.66 11.38
N VAL B 216 -7.19 -11.66 11.46
CA VAL B 216 -7.69 -10.27 11.57
C VAL B 216 -8.56 -9.89 10.36
N LYS B 217 -9.82 -9.56 10.62
CA LYS B 217 -10.74 -9.02 9.58
C LYS B 217 -10.57 -7.50 9.49
N ARG B 218 -10.44 -6.80 10.62
CA ARG B 218 -10.24 -5.37 10.49
C ARG B 218 -9.91 -4.82 11.85
N ILE B 219 -9.33 -3.63 11.89
CA ILE B 219 -9.10 -2.95 13.16
C ILE B 219 -10.33 -2.09 13.48
N LYS B 220 -10.91 -2.30 14.68
CA LYS B 220 -12.17 -1.67 15.00
C LYS B 220 -11.95 -0.15 15.05
N GLY B 221 -12.87 0.60 14.46
CA GLY B 221 -12.97 2.06 14.65
C GLY B 221 -12.34 2.83 13.48
N TYR B 222 -11.88 2.12 12.45
CA TYR B 222 -11.14 2.74 11.34
C TYR B 222 -11.81 2.43 10.03
N SER B 223 -11.61 3.33 9.05
CA SER B 223 -12.06 2.97 7.70
C SER B 223 -11.25 1.77 7.26
N LEU B 224 -11.65 1.18 6.16
CA LEU B 224 -11.00 0.08 5.60
C LEU B 224 -9.59 0.36 5.15
N ALA B 225 -9.36 1.49 4.47
CA ALA B 225 -8.03 1.85 4.01
C ALA B 225 -7.10 2.04 5.21
N ASP B 226 -7.55 2.76 6.25
CA ASP B 226 -6.78 3.04 7.44
C ASP B 226 -6.44 1.73 8.18
N SER B 227 -7.45 0.90 8.39
CA SER B 227 -7.29 -0.44 8.98
C SER B 227 -6.19 -1.23 8.24
N GLN B 228 -6.23 -1.23 6.91
CA GLN B 228 -5.19 -1.86 6.11
C GLN B 228 -3.78 -1.34 6.34
N HIS B 229 -3.59 -0.01 6.29
CA HIS B 229 -2.28 0.58 6.60
C HIS B 229 -1.77 0.28 7.95
N LEU B 230 -2.60 0.46 8.95
CA LEU B 230 -2.19 0.20 10.33
C LEU B 230 -1.82 -1.29 10.51
N PHE B 231 -2.68 -2.19 10.01
CA PHE B 231 -2.33 -3.63 10.04
C PHE B 231 -0.99 -3.91 9.38
N ALA B 232 -0.77 -3.41 8.17
CA ALA B 232 0.41 -3.62 7.43
C ALA B 232 1.64 -3.15 8.19
N VAL B 233 1.59 -1.98 8.85
CA VAL B 233 2.70 -1.53 9.65
C VAL B 233 3.01 -2.52 10.80
N LEU B 234 1.99 -2.88 11.58
CA LEU B 234 2.24 -3.60 12.81
C LEU B 234 2.60 -5.08 12.46
N GLN B 235 1.82 -5.68 11.53
CA GLN B 235 2.13 -7.07 11.04
C GLN B 235 3.51 -7.11 10.37
N GLY B 236 3.87 -6.01 9.73
CA GLY B 236 5.21 -5.92 9.06
C GLY B 236 6.35 -6.03 10.07
N HIS B 237 6.16 -5.48 11.27
CA HIS B 237 7.20 -5.67 12.34
C HIS B 237 7.24 -7.09 12.84
N VAL B 238 6.08 -7.73 12.90
CA VAL B 238 6.02 -9.14 13.29
C VAL B 238 6.89 -9.99 12.33
N THR B 239 6.81 -9.80 11.01
CA THR B 239 7.37 -10.77 10.10
C THR B 239 8.71 -10.30 9.59
N ARG B 240 9.21 -9.19 10.13
CA ARG B 240 10.56 -8.67 9.80
C ARG B 240 11.52 -9.86 10.09
N LEU B 241 12.46 -10.15 9.17
CA LEU B 241 13.24 -11.42 9.33
C LEU B 241 13.95 -11.54 10.70
N GLU B 242 14.33 -10.40 11.26
CA GLU B 242 15.09 -10.37 12.50
C GLU B 242 14.23 -10.87 13.67
N ASN B 243 12.89 -10.89 13.53
CA ASN B 243 11.99 -11.36 14.64
C ASN B 243 11.53 -12.83 14.40
N THR B 244 12.17 -13.54 13.47
CA THR B 244 11.68 -14.89 13.06
C THR B 244 12.80 -15.90 13.19
N VAL B 245 12.35 -17.13 13.29
CA VAL B 245 13.29 -18.24 13.30
C VAL B 245 12.67 -19.30 12.38
N ARG B 246 13.50 -19.89 11.52
CA ARG B 246 12.98 -20.87 10.56
C ARG B 246 13.53 -22.24 10.91
N TRP B 247 12.72 -23.29 10.93
CA TRP B 247 13.22 -24.59 11.39
C TRP B 247 13.09 -25.58 10.26
N ARG B 248 14.18 -26.27 9.93
CA ARG B 248 14.10 -27.33 8.93
C ARG B 248 13.85 -28.70 9.64
N TRP B 249 12.74 -29.35 9.36
CA TRP B 249 12.33 -30.48 10.25
C TRP B 249 13.09 -31.81 9.82
N GLU B 250 13.45 -32.61 10.82
CA GLU B 250 13.85 -34.03 10.57
C GLU B 250 12.90 -34.90 11.39
N ALA B 251 12.60 -36.13 10.96
CA ALA B 251 11.57 -36.94 11.61
C ALA B 251 12.06 -37.10 13.05
N GLY B 252 11.14 -37.07 14.01
CA GLY B 252 11.53 -37.10 15.41
C GLY B 252 11.85 -35.74 16.05
N ASP B 253 11.85 -34.67 15.24
CA ASP B 253 11.89 -33.31 15.80
C ASP B 253 10.56 -32.96 16.51
N VAL B 254 10.63 -32.25 17.62
CA VAL B 254 9.42 -31.72 18.22
C VAL B 254 9.58 -30.21 18.43
N ALA B 255 8.54 -29.44 18.08
CA ALA B 255 8.54 -28.03 18.46
C ALA B 255 7.42 -27.76 19.43
N ILE B 256 7.65 -26.82 20.32
CA ILE B 256 6.63 -26.31 21.23
C ILE B 256 6.70 -24.82 21.12
N TRP B 257 5.55 -24.18 20.90
CA TRP B 257 5.58 -22.74 20.91
C TRP B 257 4.52 -22.07 21.75
N ASP B 258 4.84 -20.86 22.18
CA ASP B 258 3.94 -20.06 23.05
C ASP B 258 3.08 -19.22 22.13
N ASN B 259 1.88 -19.71 21.91
CA ASN B 259 0.90 -19.08 20.99
C ASN B 259 0.47 -17.71 21.42
N ARG B 260 0.76 -17.36 22.68
CA ARG B 260 0.37 -16.02 23.16
C ARG B 260 1.36 -14.97 22.65
N ALA B 261 2.54 -15.42 22.17
CA ALA B 261 3.57 -14.44 21.82
C ALA B 261 4.28 -14.75 20.49
N THR B 262 3.57 -15.45 19.60
CA THR B 262 4.13 -15.79 18.30
C THR B 262 3.04 -15.79 17.23
N GLN B 263 3.52 -15.86 16.00
CA GLN B 263 2.78 -16.33 14.85
C GLN B 263 3.68 -17.40 14.18
N HIS B 264 3.13 -18.16 13.25
CA HIS B 264 3.94 -19.07 12.51
C HIS B 264 3.38 -19.25 11.08
N TYR B 265 4.13 -19.97 10.27
CA TYR B 265 3.87 -20.05 8.85
C TYR B 265 4.54 -21.33 8.42
N ALA B 266 3.82 -22.17 7.68
CA ALA B 266 4.42 -23.39 7.15
C ALA B 266 4.79 -23.18 5.69
N VAL B 267 6.05 -23.36 5.35
CA VAL B 267 6.50 -23.00 3.99
C VAL B 267 6.03 -24.08 2.98
N ASP B 268 5.35 -23.65 1.94
CA ASP B 268 4.89 -24.61 1.00
C ASP B 268 5.76 -24.69 -0.26
N ASP B 269 6.95 -25.24 -0.09
CA ASP B 269 7.95 -25.27 -1.17
C ASP B 269 8.35 -26.72 -1.51
N TYR B 270 7.60 -27.70 -1.05
CA TYR B 270 8.04 -29.11 -1.16
C TYR B 270 7.24 -29.98 -2.11
N GLY B 271 6.26 -29.38 -2.80
CA GLY B 271 5.58 -30.07 -3.90
C GLY B 271 4.88 -31.29 -3.39
N THR B 272 5.14 -32.44 -4.03
CA THR B 272 4.37 -33.64 -3.63
C THR B 272 5.18 -34.49 -2.65
N GLN B 273 6.32 -34.02 -2.14
CA GLN B 273 7.05 -34.78 -1.10
C GLN B 273 6.11 -34.89 0.13
N PRO B 274 5.86 -36.09 0.64
CA PRO B 274 4.96 -36.21 1.82
C PRO B 274 5.52 -35.47 3.02
N ARG B 275 4.62 -34.81 3.74
CA ARG B 275 4.99 -34.17 4.97
C ARG B 275 3.87 -34.49 5.94
N ILE B 276 4.23 -35.06 7.06
CA ILE B 276 3.21 -35.41 8.04
C ILE B 276 3.70 -34.98 9.41
N VAL B 277 2.89 -34.18 10.09
CA VAL B 277 3.21 -33.75 11.42
C VAL B 277 2.00 -34.04 12.33
N ARG B 278 2.25 -34.18 13.65
CA ARG B 278 1.09 -34.42 14.55
C ARG B 278 1.15 -33.44 15.72
N ARG B 279 0.02 -32.87 16.04
CA ARG B 279 -0.07 -31.72 16.94
C ARG B 279 -0.98 -31.97 18.16
N VAL B 280 -0.53 -31.57 19.34
CA VAL B 280 -1.48 -31.43 20.44
C VAL B 280 -1.53 -29.93 20.81
N THR B 281 -2.75 -29.45 20.99
CA THR B 281 -2.97 -28.06 21.32
C THR B 281 -3.42 -27.97 22.78
N LEU B 282 -2.93 -26.98 23.50
CA LEU B 282 -3.25 -26.77 24.91
C LEU B 282 -4.11 -25.51 25.09
N ALA B 283 -5.12 -25.63 25.93
CA ALA B 283 -6.10 -24.59 26.17
C ALA B 283 -5.42 -23.31 26.74
N GLY B 284 -5.90 -22.16 26.28
CA GLY B 284 -5.35 -20.84 26.72
C GLY B 284 -6.38 -20.02 27.50
N GLU B 285 -5.95 -18.84 27.96
CA GLU B 285 -6.80 -17.94 28.74
C GLU B 285 -7.40 -16.83 27.87
N VAL B 286 -8.33 -16.06 28.46
CA VAL B 286 -8.93 -14.94 27.73
C VAL B 286 -7.86 -13.86 27.74
N PRO B 287 -7.52 -13.29 26.58
CA PRO B 287 -6.48 -12.23 26.55
C PRO B 287 -6.87 -11.00 27.40
N VAL B 288 -5.89 -10.37 28.00
CA VAL B 288 -6.03 -9.15 28.72
C VAL B 288 -5.21 -8.04 28.07
N GLY B 289 -5.84 -6.90 27.80
CA GLY B 289 -5.18 -5.76 27.16
C GLY B 289 -4.41 -4.95 28.19
N VAL B 290 -3.72 -3.91 27.70
CA VAL B 290 -2.87 -3.06 28.51
C VAL B 290 -3.63 -2.33 29.63
N ASP B 291 -4.88 -1.95 29.37
CA ASP B 291 -5.74 -1.29 30.37
C ASP B 291 -6.61 -2.29 31.16
N GLY B 292 -6.37 -3.60 30.99
CA GLY B 292 -7.06 -4.64 31.77
C GLY B 292 -8.32 -5.16 31.13
N GLN B 293 -8.76 -4.61 29.98
CA GLN B 293 -9.99 -5.11 29.36
C GLN B 293 -9.76 -6.51 28.72
N LEU B 294 -10.85 -7.28 28.56
CA LEU B 294 -10.77 -8.66 28.12
C LEU B 294 -11.32 -8.82 26.71
N SER B 295 -10.81 -9.80 25.94
CA SER B 295 -11.38 -10.05 24.64
C SER B 295 -12.84 -10.46 24.79
N ARG B 296 -13.61 -10.40 23.72
CA ARG B 296 -15.02 -10.72 23.79
C ARG B 296 -15.47 -11.25 22.45
N THR B 297 -16.09 -12.43 22.43
CA THR B 297 -16.72 -12.92 21.18
C THR B 297 -17.97 -12.10 20.86
N THR B 298 -18.15 -11.68 19.62
CA THR B 298 -19.30 -10.87 19.23
C THR B 298 -20.28 -11.52 18.24
N ARG B 299 -19.88 -12.62 17.60
CA ARG B 299 -20.75 -13.45 16.75
C ARG B 299 -20.37 -14.92 16.96
N LYS B 300 -21.36 -15.80 17.14
CA LYS B 300 -21.10 -17.26 17.23
C LYS B 300 -22.19 -18.07 16.51
N LEU C 13 30.04 -35.96 -14.14
CA LEU C 13 30.48 -35.94 -12.68
C LEU C 13 29.30 -35.59 -11.78
N GLU C 14 28.98 -36.47 -10.83
CA GLU C 14 27.91 -36.16 -9.96
C GLU C 14 28.53 -35.87 -8.58
N LEU C 15 28.42 -34.61 -8.12
CA LEU C 15 28.86 -34.22 -6.77
C LEU C 15 27.85 -34.75 -5.76
N ASP C 16 28.25 -34.82 -4.51
CA ASP C 16 27.31 -35.17 -3.41
C ASP C 16 26.45 -33.89 -3.02
N VAL C 17 25.34 -33.63 -3.68
CA VAL C 17 24.54 -32.40 -3.50
C VAL C 17 23.25 -32.67 -2.69
N HIS C 18 23.02 -31.87 -1.65
CA HIS C 18 21.88 -32.01 -0.77
C HIS C 18 21.06 -30.69 -0.75
N PRO C 19 19.99 -30.62 -1.55
CA PRO C 19 19.13 -29.43 -1.56
C PRO C 19 18.72 -29.08 -0.13
N VAL C 20 18.68 -27.78 0.17
CA VAL C 20 18.36 -27.23 1.46
C VAL C 20 16.88 -26.89 1.50
N ALA C 21 16.39 -25.85 0.80
CA ALA C 21 14.93 -25.54 0.79
C ALA C 21 14.36 -26.14 -0.48
N GLY C 22 13.03 -26.09 -0.63
CA GLY C 22 12.42 -26.73 -1.79
C GLY C 22 12.79 -26.08 -3.15
N ARG C 23 13.06 -24.78 -3.18
CA ARG C 23 13.17 -24.08 -4.49
C ARG C 23 14.47 -23.32 -4.67
N ILE C 24 15.41 -23.47 -3.71
CA ILE C 24 16.69 -22.86 -3.81
C ILE C 24 17.61 -23.43 -2.74
N GLY C 25 18.92 -23.45 -3.04
CA GLY C 25 19.95 -23.74 -2.03
C GLY C 25 20.29 -25.20 -2.05
N ALA C 26 21.60 -25.50 -2.10
CA ALA C 26 22.07 -26.91 -1.93
C ALA C 26 23.44 -26.94 -1.28
N GLU C 27 23.61 -27.82 -0.32
CA GLU C 27 24.93 -28.01 0.29
C GLU C 27 25.66 -29.08 -0.55
N ILE C 28 26.94 -28.84 -0.82
CA ILE C 28 27.74 -29.79 -1.57
C ILE C 28 28.78 -30.35 -0.57
N ARG C 29 28.79 -31.68 -0.39
CA ARG C 29 29.71 -32.37 0.54
C ARG C 29 30.86 -32.98 -0.23
N GLY C 30 31.98 -33.28 0.45
CA GLY C 30 33.06 -34.07 -0.14
C GLY C 30 33.93 -33.30 -1.11
N VAL C 31 33.87 -31.96 -1.04
CA VAL C 31 34.73 -31.11 -1.89
C VAL C 31 35.49 -30.20 -0.97
N LYS C 32 36.84 -30.28 -1.03
CA LYS C 32 37.68 -29.29 -0.37
C LYS C 32 38.00 -28.24 -1.42
N LEU C 33 37.45 -27.03 -1.25
CA LEU C 33 37.66 -25.91 -2.19
C LEU C 33 39.15 -25.56 -2.17
N SER C 34 39.74 -25.30 -3.35
CA SER C 34 41.12 -24.85 -3.45
C SER C 34 41.32 -24.37 -4.86
N PRO C 35 42.46 -23.69 -5.12
CA PRO C 35 42.86 -23.30 -6.47
C PRO C 35 43.22 -24.50 -7.39
N ASP C 36 43.30 -25.70 -6.84
CA ASP C 36 43.74 -26.90 -7.57
C ASP C 36 42.63 -27.84 -8.02
N LEU C 37 41.37 -27.42 -7.87
CA LEU C 37 40.28 -28.33 -8.23
C LEU C 37 40.33 -28.60 -9.74
N ASP C 38 39.95 -29.81 -10.16
CA ASP C 38 40.11 -30.14 -11.57
C ASP C 38 38.92 -29.60 -12.39
N ALA C 39 39.02 -29.67 -13.73
CA ALA C 39 38.02 -29.08 -14.62
C ALA C 39 36.61 -29.71 -14.44
N ALA C 40 36.52 -31.01 -14.15
CA ALA C 40 35.23 -31.63 -14.01
C ALA C 40 34.58 -31.13 -12.72
N THR C 41 35.37 -30.92 -11.66
CA THR C 41 34.79 -30.49 -10.42
C THR C 41 34.32 -29.05 -10.54
N VAL C 42 35.10 -28.19 -11.15
CA VAL C 42 34.73 -26.84 -11.37
C VAL C 42 33.44 -26.79 -12.19
N GLU C 43 33.36 -27.54 -13.26
CA GLU C 43 32.19 -27.47 -14.10
C GLU C 43 30.97 -28.01 -13.32
N ALA C 44 31.13 -29.05 -12.53
CA ALA C 44 29.98 -29.58 -11.81
C ALA C 44 29.58 -28.54 -10.72
N ILE C 45 30.53 -27.75 -10.18
CA ILE C 45 30.19 -26.72 -9.20
C ILE C 45 29.36 -25.57 -9.93
N GLN C 46 29.85 -25.14 -11.11
CA GLN C 46 29.20 -24.12 -11.93
C GLN C 46 27.77 -24.58 -12.27
N ALA C 47 27.58 -25.87 -12.61
CA ALA C 47 26.24 -26.35 -12.98
C ALA C 47 25.37 -26.34 -11.71
N ALA C 48 25.93 -26.69 -10.56
CA ALA C 48 25.12 -26.75 -9.36
C ALA C 48 24.69 -25.31 -9.00
N LEU C 49 25.58 -24.37 -9.26
CA LEU C 49 25.34 -22.97 -8.93
C LEU C 49 24.15 -22.41 -9.77
N VAL C 50 24.17 -22.63 -11.07
CA VAL C 50 23.10 -22.29 -11.94
C VAL C 50 21.76 -22.95 -11.54
N ARG C 51 21.82 -24.25 -11.24
CA ARG C 51 20.61 -24.95 -10.89
C ARG C 51 19.98 -24.51 -9.55
N HIS C 52 20.77 -24.37 -8.51
CA HIS C 52 20.25 -24.18 -7.17
C HIS C 52 20.42 -22.78 -6.65
N LYS C 53 21.12 -21.93 -7.41
CA LYS C 53 21.21 -20.45 -7.19
C LYS C 53 22.10 -20.03 -6.10
N VAL C 54 22.10 -20.79 -4.99
CA VAL C 54 23.15 -20.61 -3.99
C VAL C 54 23.58 -21.98 -3.47
N ILE C 55 24.90 -22.15 -3.33
CA ILE C 55 25.45 -23.45 -2.86
C ILE C 55 26.39 -23.26 -1.68
N PHE C 56 26.40 -24.26 -0.80
CA PHE C 56 27.15 -24.18 0.46
C PHE C 56 28.15 -25.31 0.61
N PHE C 57 29.31 -24.93 1.08
CA PHE C 57 30.40 -25.89 1.40
C PHE C 57 30.77 -25.65 2.87
N ARG C 58 30.60 -26.67 3.71
CA ARG C 58 30.93 -26.52 5.12
C ARG C 58 32.31 -27.12 5.42
N GLY C 59 32.94 -26.71 6.50
CA GLY C 59 34.19 -27.35 6.96
C GLY C 59 35.40 -26.98 6.12
N GLN C 60 35.38 -25.79 5.56
CA GLN C 60 36.46 -25.37 4.65
C GLN C 60 37.49 -24.65 5.48
N THR C 61 37.93 -25.27 6.56
CA THR C 61 38.84 -24.52 7.48
C THR C 61 40.29 -24.41 7.00
N HIS C 62 40.67 -25.22 6.02
CA HIS C 62 41.97 -25.10 5.37
C HIS C 62 42.02 -23.80 4.53
N LEU C 63 40.84 -23.26 4.18
CA LEU C 63 40.75 -22.27 3.11
C LEU C 63 41.08 -20.88 3.56
N ASP C 64 42.32 -20.41 3.42
CA ASP C 64 42.64 -19.07 3.84
C ASP C 64 42.37 -18.08 2.77
N ASP C 65 42.80 -16.87 3.03
CA ASP C 65 42.57 -15.73 2.15
C ASP C 65 43.11 -15.86 0.70
N GLN C 66 44.35 -16.31 0.53
CA GLN C 66 44.97 -16.45 -0.79
C GLN C 66 44.35 -17.64 -1.56
N SER C 67 44.04 -18.68 -0.83
CA SER C 67 43.44 -19.85 -1.35
C SER C 67 41.97 -19.57 -1.85
N GLN C 68 41.25 -18.70 -1.11
CA GLN C 68 39.86 -18.32 -1.49
C GLN C 68 39.90 -17.61 -2.83
N GLU C 69 40.84 -16.69 -2.94
CA GLU C 69 41.03 -15.93 -4.15
C GLU C 69 41.45 -16.85 -5.30
N GLY C 70 42.36 -17.75 -5.07
CA GLY C 70 42.80 -18.67 -6.17
C GLY C 70 41.66 -19.59 -6.57
N PHE C 71 40.88 -20.08 -5.61
CA PHE C 71 39.71 -20.91 -5.94
C PHE C 71 38.75 -20.09 -6.80
N ALA C 72 38.55 -18.81 -6.44
CA ALA C 72 37.56 -17.98 -7.10
C ALA C 72 37.92 -17.74 -8.58
N LYS C 73 39.21 -17.56 -8.87
CA LYS C 73 39.67 -17.33 -10.25
C LYS C 73 39.28 -18.54 -11.11
N LEU C 74 39.04 -19.70 -10.52
CA LEU C 74 38.61 -20.83 -11.35
C LEU C 74 37.18 -20.63 -11.81
N LEU C 75 36.42 -19.75 -11.14
CA LEU C 75 35.00 -19.59 -11.50
C LEU C 75 34.71 -18.41 -12.37
N GLY C 76 35.61 -17.43 -12.43
CA GLY C 76 35.43 -16.21 -13.18
C GLY C 76 36.56 -15.25 -12.83
N GLU C 77 36.42 -14.00 -13.23
CA GLU C 77 37.41 -12.94 -12.99
C GLU C 77 37.03 -12.05 -11.80
N PRO C 78 37.85 -12.08 -10.73
CA PRO C 78 37.52 -11.29 -9.53
C PRO C 78 37.49 -9.86 -9.90
N VAL C 79 36.70 -9.04 -9.19
CA VAL C 79 36.73 -7.63 -9.48
C VAL C 79 37.55 -6.82 -8.43
N ARG C 91 44.53 -9.18 -3.06
CA ARG C 91 44.16 -8.26 -4.16
C ARG C 91 42.64 -8.12 -4.42
N TYR C 92 41.86 -9.15 -4.10
CA TYR C 92 40.42 -9.09 -4.39
C TYR C 92 39.43 -9.32 -3.17
N LEU C 93 39.91 -9.90 -2.04
CA LEU C 93 39.08 -10.25 -0.83
C LEU C 93 38.73 -9.01 0.03
N LEU C 94 37.44 -8.74 0.17
CA LEU C 94 36.91 -7.71 1.09
C LEU C 94 36.48 -8.44 2.42
N GLN C 95 36.88 -7.91 3.61
CA GLN C 95 36.30 -8.30 4.95
C GLN C 95 35.11 -7.44 5.30
N LEU C 96 33.98 -8.07 5.60
CA LEU C 96 32.82 -7.37 6.22
C LEU C 96 32.67 -7.73 7.73
N ARG C 103 25.65 -2.51 8.53
CA ARG C 103 25.00 -3.87 8.31
C ARG C 103 23.81 -3.94 7.29
N ALA C 104 23.83 -4.95 6.38
CA ALA C 104 23.00 -5.03 5.14
C ALA C 104 21.72 -5.91 5.20
N ASN C 105 20.84 -5.54 6.12
CA ASN C 105 19.62 -6.21 6.33
C ASN C 105 18.56 -5.57 5.42
N SER C 106 18.70 -5.78 4.12
CA SER C 106 17.77 -5.23 3.13
C SER C 106 18.00 -6.02 1.88
N TRP C 107 16.92 -6.48 1.24
CA TRP C 107 16.99 -7.38 0.08
C TRP C 107 17.61 -6.71 -1.16
N HIS C 108 18.63 -7.33 -1.76
CA HIS C 108 19.21 -6.64 -2.93
C HIS C 108 19.94 -7.65 -3.76
N THR C 109 20.14 -7.32 -5.03
CA THR C 109 21.09 -7.99 -5.90
C THR C 109 22.37 -7.09 -5.93
N ASP C 110 23.57 -7.67 -6.04
CA ASP C 110 24.78 -6.88 -5.70
C ASP C 110 25.10 -5.90 -6.82
N VAL C 111 25.30 -4.67 -6.46
CA VAL C 111 25.83 -3.67 -7.35
C VAL C 111 24.97 -3.47 -8.60
N THR C 112 23.64 -3.55 -8.53
CA THR C 112 22.85 -3.44 -9.75
C THR C 112 22.78 -2.00 -10.30
N PHE C 113 23.35 -1.05 -9.59
CA PHE C 113 23.39 0.36 -10.09
C PHE C 113 24.46 0.51 -11.18
N VAL C 114 25.21 -0.55 -11.48
CA VAL C 114 26.14 -0.52 -12.61
C VAL C 114 25.64 -1.49 -13.64
N GLU C 115 26.12 -1.29 -14.84
CA GLU C 115 25.60 -1.97 -16.00
C GLU C 115 26.02 -3.42 -16.04
N ALA C 116 27.32 -3.76 -15.87
CA ALA C 116 27.69 -5.17 -15.90
C ALA C 116 28.00 -5.50 -14.45
N TYR C 117 26.94 -5.73 -13.64
CA TYR C 117 27.13 -5.98 -12.21
C TYR C 117 27.67 -7.41 -12.07
N PRO C 118 28.21 -7.79 -10.90
CA PRO C 118 28.80 -9.15 -10.68
C PRO C 118 27.91 -10.32 -11.02
N LYS C 119 28.52 -11.40 -11.49
CA LYS C 119 27.75 -12.56 -11.76
C LYS C 119 27.65 -13.47 -10.54
N ALA C 120 28.53 -13.30 -9.55
CA ALA C 120 28.59 -14.24 -8.38
C ALA C 120 29.46 -13.72 -7.32
N SER C 121 29.25 -14.18 -6.08
CA SER C 121 30.20 -13.94 -5.00
C SER C 121 30.50 -15.22 -4.27
N ILE C 122 31.71 -15.27 -3.73
CA ILE C 122 32.19 -16.41 -2.96
C ILE C 122 32.41 -15.80 -1.57
N LEU C 123 31.68 -16.33 -0.58
CA LEU C 123 31.69 -15.70 0.77
C LEU C 123 32.02 -16.72 1.81
N ARG C 124 33.02 -16.44 2.66
CA ARG C 124 33.50 -17.42 3.64
C ARG C 124 33.22 -16.85 5.04
N SER C 125 32.70 -17.65 5.97
CA SER C 125 32.55 -17.22 7.34
C SER C 125 33.87 -17.39 8.11
N VAL C 126 34.41 -16.30 8.64
CA VAL C 126 35.67 -16.38 9.45
C VAL C 126 35.32 -16.38 10.95
N VAL C 127 34.43 -15.47 11.36
CA VAL C 127 33.85 -15.55 12.71
C VAL C 127 32.34 -15.49 12.62
N ALA C 128 31.67 -16.42 13.30
CA ALA C 128 30.28 -16.63 13.22
C ALA C 128 29.63 -16.52 14.61
N PRO C 129 28.69 -15.58 14.78
CA PRO C 129 27.99 -15.46 16.04
C PRO C 129 27.36 -16.81 16.43
N ALA C 130 27.44 -17.09 17.73
CA ALA C 130 26.84 -18.26 18.33
C ALA C 130 25.33 -18.27 18.18
N SER C 131 24.68 -17.10 18.16
CA SER C 131 23.29 -17.12 17.72
C SER C 131 22.95 -15.87 16.89
N GLY C 132 22.10 -16.01 15.89
CA GLY C 132 21.90 -14.93 14.98
C GLY C 132 22.96 -14.96 13.89
N GLY C 133 22.84 -14.00 12.95
CA GLY C 133 23.88 -13.73 11.95
C GLY C 133 23.63 -14.40 10.62
N ASP C 134 22.41 -14.91 10.41
CA ASP C 134 22.07 -15.67 9.23
C ASP C 134 22.11 -14.80 7.98
N THR C 135 22.22 -15.44 6.83
CA THR C 135 21.98 -14.83 5.55
C THR C 135 20.87 -15.57 4.83
N VAL C 136 20.05 -14.83 4.08
CA VAL C 136 18.92 -15.43 3.37
C VAL C 136 19.12 -15.09 1.89
N TRP C 137 18.78 -16.02 1.00
CA TRP C 137 18.82 -15.75 -0.47
C TRP C 137 17.45 -16.03 -1.01
N ALA C 138 17.07 -15.32 -2.07
CA ALA C 138 15.80 -15.54 -2.76
C ALA C 138 16.09 -15.89 -4.21
N ASN C 139 15.32 -16.78 -4.78
CA ASN C 139 15.45 -17.24 -6.12
C ASN C 139 14.58 -16.35 -7.04
N THR C 140 15.20 -15.42 -7.79
CA THR C 140 14.40 -14.49 -8.60
C THR C 140 13.93 -15.11 -9.92
N ALA C 141 14.48 -16.28 -10.24
CA ALA C 141 13.98 -16.99 -11.41
C ALA C 141 12.70 -17.70 -11.03
N ALA C 142 12.65 -18.34 -9.87
CA ALA C 142 11.39 -19.01 -9.43
C ALA C 142 10.31 -17.94 -9.19
N ALA C 143 10.73 -16.75 -8.72
CA ALA C 143 9.76 -15.71 -8.39
C ALA C 143 9.09 -15.25 -9.71
N TYR C 144 9.89 -15.09 -10.76
CA TYR C 144 9.32 -14.77 -12.11
C TYR C 144 8.37 -15.83 -12.62
N GLN C 145 8.77 -17.11 -12.48
CA GLN C 145 8.00 -18.20 -13.10
C GLN C 145 6.63 -18.40 -12.44
N GLU C 146 6.54 -18.11 -11.12
CA GLU C 146 5.30 -18.33 -10.42
C GLU C 146 4.25 -17.20 -10.69
N LEU C 147 4.64 -16.10 -11.34
CA LEU C 147 3.68 -15.01 -11.62
C LEU C 147 2.64 -15.52 -12.65
N PRO C 148 1.33 -15.20 -12.54
CA PRO C 148 0.39 -15.48 -13.64
C PRO C 148 0.88 -14.89 -14.94
N GLU C 149 0.55 -15.56 -16.06
CA GLU C 149 1.13 -15.24 -17.33
C GLU C 149 0.97 -13.76 -17.77
N PRO C 150 -0.19 -13.13 -17.55
CA PRO C 150 -0.37 -11.69 -17.91
C PRO C 150 0.61 -10.80 -17.08
N LEU C 151 0.89 -11.20 -15.83
CA LEU C 151 1.85 -10.45 -15.06
C LEU C 151 3.32 -10.66 -15.54
N ARG C 152 3.72 -11.91 -15.89
CA ARG C 152 5.04 -12.11 -16.55
C ARG C 152 5.14 -11.26 -17.81
N GLU C 153 4.06 -11.24 -18.59
CA GLU C 153 4.10 -10.46 -19.83
C GLU C 153 4.26 -9.01 -19.52
N LEU C 154 3.63 -8.51 -18.47
CA LEU C 154 3.91 -7.11 -18.11
C LEU C 154 5.37 -6.97 -17.63
N ALA C 155 5.85 -7.85 -16.71
CA ALA C 155 7.25 -7.72 -16.18
C ALA C 155 8.22 -7.77 -17.34
N ASP C 156 7.94 -8.58 -18.40
CA ASP C 156 8.82 -8.66 -19.58
C ASP C 156 9.04 -7.29 -20.27
N LYS C 157 8.18 -6.32 -19.96
CA LYS C 157 8.22 -5.07 -20.70
C LYS C 157 8.75 -3.93 -19.82
N LEU C 158 8.85 -4.14 -18.48
CA LEU C 158 9.25 -3.07 -17.58
C LEU C 158 10.79 -2.89 -17.55
N TRP C 159 11.21 -1.63 -17.38
CA TRP C 159 12.58 -1.23 -17.12
C TRP C 159 12.55 -0.52 -15.83
N ALA C 160 13.62 -0.68 -15.06
CA ALA C 160 13.76 0.11 -13.83
C ALA C 160 15.09 0.84 -13.83
N VAL C 161 15.13 1.93 -13.06
CA VAL C 161 16.36 2.68 -12.77
C VAL C 161 16.93 2.24 -11.43
N HIS C 162 18.19 1.86 -11.44
CA HIS C 162 18.87 1.47 -10.21
C HIS C 162 19.94 2.52 -9.90
N SER C 163 20.20 2.82 -8.66
CA SER C 163 21.07 3.90 -8.35
C SER C 163 21.71 3.56 -7.04
N ASN C 164 22.92 4.05 -6.84
CA ASN C 164 23.53 3.93 -5.50
C ASN C 164 23.19 5.07 -4.58
N GLU C 165 22.37 6.01 -5.03
CA GLU C 165 21.85 7.03 -4.14
C GLU C 165 20.84 6.39 -3.21
N TYR C 192 25.83 7.02 -9.54
CA TYR C 192 25.65 5.96 -10.53
C TYR C 192 24.15 5.68 -10.76
N GLU C 193 23.63 5.77 -11.99
CA GLU C 193 22.27 5.31 -12.28
C GLU C 193 22.30 4.49 -13.53
N THR C 194 21.72 3.30 -13.46
CA THR C 194 21.65 2.42 -14.61
C THR C 194 20.20 1.95 -14.87
N GLU C 195 19.85 1.71 -16.13
CA GLU C 195 18.48 1.27 -16.44
C GLU C 195 18.64 -0.19 -16.82
N HIS C 196 17.92 -1.04 -16.10
CA HIS C 196 17.98 -2.50 -16.35
C HIS C 196 16.54 -2.95 -16.68
N PRO C 197 16.40 -3.94 -17.55
CA PRO C 197 15.11 -4.57 -17.75
C PRO C 197 14.70 -5.20 -16.38
N VAL C 198 13.41 -5.23 -16.07
CA VAL C 198 12.95 -5.86 -14.82
C VAL C 198 13.11 -7.42 -14.93
N VAL C 199 13.07 -7.94 -16.15
CA VAL C 199 13.32 -9.35 -16.39
C VAL C 199 14.64 -9.53 -17.15
N ARG C 200 15.57 -10.27 -16.57
CA ARG C 200 16.82 -10.59 -17.27
C ARG C 200 16.75 -12.04 -17.78
N VAL C 201 17.20 -12.28 -19.03
CA VAL C 201 17.30 -13.64 -19.57
C VAL C 201 18.76 -14.12 -19.18
N HIS C 202 18.83 -15.20 -18.39
CA HIS C 202 20.12 -15.67 -17.83
C HIS C 202 21.04 -16.09 -19.03
N PRO C 203 22.28 -15.60 -19.11
CA PRO C 203 23.12 -15.89 -20.29
C PRO C 203 23.60 -17.31 -20.39
N ILE C 204 23.40 -18.17 -19.37
CA ILE C 204 23.85 -19.55 -19.44
C ILE C 204 22.60 -20.46 -19.55
N SER C 205 21.64 -20.31 -18.64
CA SER C 205 20.53 -21.20 -18.63
C SER C 205 19.36 -20.68 -19.53
N GLY C 206 19.37 -19.42 -19.94
CA GLY C 206 18.17 -18.81 -20.56
C GLY C 206 16.97 -18.61 -19.58
N GLU C 207 17.12 -18.90 -18.27
CA GLU C 207 15.96 -18.76 -17.36
C GLU C 207 15.72 -17.28 -17.18
N ARG C 208 14.45 -16.88 -17.24
CA ARG C 208 14.14 -15.47 -16.92
C ARG C 208 14.09 -15.15 -15.38
N ALA C 209 14.62 -14.01 -14.97
CA ALA C 209 14.68 -13.71 -13.55
C ALA C 209 14.34 -12.28 -13.32
N LEU C 210 13.68 -11.99 -12.19
CA LEU C 210 13.38 -10.60 -11.83
C LEU C 210 14.62 -9.91 -11.30
N GLN C 211 14.82 -8.68 -11.76
CA GLN C 211 15.99 -7.96 -11.41
C GLN C 211 15.53 -6.70 -10.68
N LEU C 212 15.50 -6.75 -9.34
CA LEU C 212 14.89 -5.67 -8.58
C LEU C 212 15.77 -5.40 -7.35
N GLY C 213 15.19 -5.40 -6.14
CA GLY C 213 15.99 -5.19 -4.97
C GLY C 213 16.11 -3.74 -4.55
N HIS C 214 16.89 -3.49 -3.48
CA HIS C 214 16.84 -2.17 -2.88
C HIS C 214 17.49 -1.06 -3.71
N PHE C 215 18.27 -1.41 -4.75
CA PHE C 215 18.91 -0.39 -5.61
C PHE C 215 17.95 0.24 -6.57
N VAL C 216 16.78 -0.36 -6.72
CA VAL C 216 15.76 0.22 -7.65
C VAL C 216 15.24 1.52 -7.08
N LYS C 217 15.31 2.59 -7.89
CA LYS C 217 14.77 3.91 -7.50
C LYS C 217 13.35 4.06 -8.03
N ARG C 218 13.07 3.59 -9.26
CA ARG C 218 11.68 3.66 -9.75
C ARG C 218 11.58 2.79 -10.98
N ILE C 219 10.33 2.47 -11.36
CA ILE C 219 10.09 1.74 -12.57
C ILE C 219 9.85 2.82 -13.68
N LYS C 220 10.67 2.78 -14.72
CA LYS C 220 10.62 3.78 -15.80
C LYS C 220 9.23 3.78 -16.42
N GLY C 221 8.65 4.99 -16.55
CA GLY C 221 7.47 5.24 -17.37
C GLY C 221 6.20 5.31 -16.53
N TYR C 222 6.32 5.34 -15.19
CA TYR C 222 5.12 5.19 -14.32
C TYR C 222 5.12 6.31 -13.35
N SER C 223 3.98 6.70 -12.82
CA SER C 223 4.03 7.67 -11.73
C SER C 223 4.64 6.95 -10.56
N LEU C 224 4.95 7.72 -9.53
CA LEU C 224 5.54 7.26 -8.29
C LEU C 224 4.67 6.21 -7.57
N ALA C 225 3.35 6.44 -7.53
CA ALA C 225 2.40 5.57 -6.88
C ALA C 225 2.35 4.26 -7.62
N ASP C 226 2.20 4.32 -8.95
CA ASP C 226 2.15 3.08 -9.74
C ASP C 226 3.47 2.28 -9.67
N SER C 227 4.60 2.94 -9.83
CA SER C 227 5.93 2.35 -9.65
C SER C 227 6.02 1.62 -8.29
N GLN C 228 5.60 2.26 -7.19
CA GLN C 228 5.61 1.63 -5.85
C GLN C 228 4.76 0.39 -5.84
N HIS C 229 3.58 0.47 -6.42
CA HIS C 229 2.67 -0.70 -6.37
C HIS C 229 3.25 -1.84 -7.18
N LEU C 230 3.75 -1.54 -8.37
CA LEU C 230 4.23 -2.60 -9.21
C LEU C 230 5.52 -3.24 -8.66
N PHE C 231 6.42 -2.42 -8.14
CA PHE C 231 7.56 -2.93 -7.41
C PHE C 231 7.10 -3.77 -6.26
N ALA C 232 6.13 -3.30 -5.47
CA ALA C 232 5.69 -4.06 -4.33
C ALA C 232 5.20 -5.46 -4.75
N VAL C 233 4.46 -5.55 -5.87
CA VAL C 233 3.97 -6.89 -6.31
C VAL C 233 5.14 -7.80 -6.68
N LEU C 234 6.09 -7.29 -7.45
CA LEU C 234 7.05 -8.15 -8.08
C LEU C 234 8.13 -8.50 -7.07
N GLN C 235 8.60 -7.51 -6.35
CA GLN C 235 9.53 -7.78 -5.27
C GLN C 235 8.91 -8.70 -4.16
N GLY C 236 7.61 -8.58 -3.92
CA GLY C 236 6.94 -9.40 -2.89
C GLY C 236 6.94 -10.87 -3.33
N HIS C 237 6.92 -11.14 -4.64
CA HIS C 237 7.13 -12.56 -5.08
C HIS C 237 8.55 -13.03 -4.83
N VAL C 238 9.51 -12.14 -5.02
CA VAL C 238 10.91 -12.50 -4.79
C VAL C 238 11.06 -12.97 -3.35
N THR C 239 10.55 -12.17 -2.38
CA THR C 239 10.87 -12.41 -0.95
C THR C 239 9.83 -13.35 -0.30
N ARG C 240 8.87 -13.86 -1.06
CA ARG C 240 7.91 -14.84 -0.53
C ARG C 240 8.75 -16.00 0.11
N LEU C 241 8.37 -16.47 1.27
CA LEU C 241 9.24 -17.44 2.02
C LEU C 241 9.59 -18.63 1.17
N GLU C 242 8.58 -19.16 0.45
CA GLU C 242 8.79 -20.36 -0.46
C GLU C 242 9.95 -20.19 -1.45
N ASN C 243 10.29 -18.94 -1.76
CA ASN C 243 11.35 -18.67 -2.77
C ASN C 243 12.72 -18.42 -2.10
N THR C 244 12.82 -18.68 -0.77
CA THR C 244 14.05 -18.32 -0.09
C THR C 244 14.67 -19.46 0.65
N VAL C 245 15.94 -19.27 0.99
CA VAL C 245 16.67 -20.23 1.87
C VAL C 245 17.44 -19.40 2.86
N ARG C 246 17.34 -19.75 4.13
CA ARG C 246 18.09 -19.05 5.14
C ARG C 246 19.26 -19.92 5.68
N TRP C 247 20.49 -19.41 5.73
CA TRP C 247 21.60 -20.25 6.13
C TRP C 247 22.11 -19.73 7.45
N ARG C 248 22.30 -20.62 8.40
CA ARG C 248 23.00 -20.27 9.67
C ARG C 248 24.48 -20.62 9.57
N TRP C 249 25.34 -19.62 9.68
CA TRP C 249 26.75 -19.83 9.41
C TRP C 249 27.52 -20.47 10.57
N GLU C 250 28.47 -21.35 10.24
CA GLU C 250 29.58 -21.79 11.15
C GLU C 250 30.90 -21.37 10.53
N ALA C 251 31.88 -21.03 11.35
CA ALA C 251 33.18 -20.68 10.84
C ALA C 251 33.64 -21.80 9.87
N GLY C 252 34.21 -21.37 8.71
CA GLY C 252 34.66 -22.27 7.66
C GLY C 252 33.60 -22.61 6.63
N ASP C 253 32.38 -22.07 6.80
CA ASP C 253 31.29 -22.31 5.79
C ASP C 253 31.61 -21.34 4.64
N VAL C 254 31.40 -21.80 3.42
CA VAL C 254 31.52 -20.97 2.20
C VAL C 254 30.19 -21.01 1.46
N ALA C 255 29.65 -19.85 1.09
CA ALA C 255 28.55 -19.79 0.14
C ALA C 255 28.99 -19.18 -1.17
N ILE C 256 28.35 -19.70 -2.23
CA ILE C 256 28.52 -19.17 -3.56
C ILE C 256 27.16 -18.95 -4.12
N TRP C 257 26.92 -17.74 -4.58
CA TRP C 257 25.63 -17.54 -5.22
C TRP C 257 25.70 -16.90 -6.61
N ASP C 258 24.67 -17.17 -7.38
CA ASP C 258 24.53 -16.66 -8.78
C ASP C 258 23.73 -15.35 -8.65
N ASN C 259 24.45 -14.24 -8.71
CA ASN C 259 23.90 -12.95 -8.49
C ASN C 259 23.04 -12.50 -9.66
N ARG C 260 23.04 -13.25 -10.78
CA ARG C 260 22.07 -13.05 -11.86
C ARG C 260 20.64 -13.50 -11.59
N ALA C 261 20.46 -14.38 -10.60
CA ALA C 261 19.15 -14.98 -10.36
C ALA C 261 18.84 -15.04 -8.87
N THR C 262 19.42 -14.13 -8.06
CA THR C 262 19.10 -14.11 -6.62
C THR C 262 19.08 -12.73 -6.14
N GLN C 263 18.56 -12.59 -4.92
CA GLN C 263 18.82 -11.43 -4.04
C GLN C 263 19.24 -12.05 -2.71
N HIS C 264 19.77 -11.26 -1.77
CA HIS C 264 20.09 -11.80 -0.48
C HIS C 264 19.91 -10.73 0.56
N TYR C 265 20.03 -11.14 1.84
CA TYR C 265 19.70 -10.26 2.96
C TYR C 265 20.45 -10.80 4.17
N ALA C 266 21.21 -9.95 4.84
CA ALA C 266 21.98 -10.38 6.00
C ALA C 266 21.16 -10.02 7.28
N VAL C 267 20.71 -11.02 8.04
CA VAL C 267 19.84 -10.75 9.17
C VAL C 267 20.61 -10.05 10.30
N ASP C 268 20.07 -8.92 10.76
CA ASP C 268 20.78 -8.22 11.82
C ASP C 268 20.19 -8.38 13.22
N ASP C 269 20.38 -9.57 13.78
CA ASP C 269 19.73 -9.95 15.02
C ASP C 269 20.78 -10.41 16.05
N TYR C 270 22.06 -10.06 15.84
CA TYR C 270 23.15 -10.67 16.68
C TYR C 270 23.84 -9.63 17.54
N GLY C 271 23.37 -8.38 17.53
CA GLY C 271 23.84 -7.43 18.57
C GLY C 271 25.30 -7.19 18.33
N THR C 272 26.13 -7.27 19.38
CA THR C 272 27.55 -7.01 19.21
C THR C 272 28.40 -8.28 19.10
N GLN C 273 27.80 -9.46 18.97
CA GLN C 273 28.60 -10.64 18.66
C GLN C 273 29.38 -10.37 17.41
N PRO C 274 30.68 -10.64 17.44
CA PRO C 274 31.53 -10.39 16.29
C PRO C 274 31.08 -11.31 15.13
N ARG C 275 31.11 -10.79 13.91
CA ARG C 275 30.76 -11.57 12.76
C ARG C 275 31.74 -11.07 11.74
N ILE C 276 32.48 -11.99 11.14
CA ILE C 276 33.45 -11.61 10.13
C ILE C 276 33.34 -12.58 8.97
N VAL C 277 33.05 -12.03 7.79
CA VAL C 277 32.92 -12.84 6.58
C VAL C 277 33.93 -12.28 5.58
N ARG C 278 34.48 -13.12 4.68
CA ARG C 278 35.41 -12.50 3.61
C ARG C 278 34.87 -12.89 2.24
N ARG C 279 34.89 -11.94 1.32
CA ARG C 279 34.21 -12.17 0.07
C ARG C 279 35.05 -11.91 -1.16
N VAL C 280 34.93 -12.76 -2.17
CA VAL C 280 35.41 -12.43 -3.52
C VAL C 280 34.20 -12.35 -4.43
N THR C 281 34.24 -11.35 -5.29
CA THR C 281 33.18 -11.04 -6.29
C THR C 281 33.75 -11.25 -7.68
N LEU C 282 32.93 -11.83 -8.56
CA LEU C 282 33.31 -12.20 -9.88
C LEU C 282 32.60 -11.30 -10.89
N ALA C 283 33.34 -10.90 -11.93
CA ALA C 283 32.83 -9.94 -12.91
C ALA C 283 31.67 -10.52 -13.68
N GLY C 284 30.67 -9.69 -14.00
CA GLY C 284 29.46 -10.19 -14.70
C GLY C 284 29.25 -9.50 -16.03
N GLU C 285 28.24 -9.93 -16.79
CA GLU C 285 27.99 -9.43 -18.13
C GLU C 285 26.96 -8.34 -18.09
N VAL C 286 26.77 -7.64 -19.24
CA VAL C 286 25.66 -6.69 -19.36
C VAL C 286 24.36 -7.49 -19.50
N PRO C 287 23.36 -7.17 -18.69
CA PRO C 287 22.09 -7.95 -18.73
C PRO C 287 21.39 -7.83 -20.09
N VAL C 288 20.71 -8.87 -20.51
CA VAL C 288 19.93 -8.83 -21.73
C VAL C 288 18.44 -9.08 -21.33
N GLY C 289 17.53 -8.26 -21.84
CA GLY C 289 16.08 -8.34 -21.58
C GLY C 289 15.46 -9.35 -22.53
N VAL C 290 14.16 -9.57 -22.39
CA VAL C 290 13.45 -10.60 -23.10
C VAL C 290 13.40 -10.30 -24.65
N ASP C 291 13.36 -9.02 -25.03
CA ASP C 291 13.35 -8.63 -26.43
C ASP C 291 14.79 -8.40 -26.90
N GLY C 292 15.80 -8.76 -26.06
CA GLY C 292 17.22 -8.68 -26.44
C GLY C 292 17.86 -7.34 -26.24
N GLN C 293 17.16 -6.45 -25.61
CA GLN C 293 17.77 -5.15 -25.30
C GLN C 293 18.73 -5.25 -24.10
N LEU C 294 19.77 -4.41 -24.10
CA LEU C 294 20.79 -4.41 -23.08
C LEU C 294 20.66 -3.30 -22.12
N SER C 295 21.06 -3.53 -20.87
CA SER C 295 21.01 -2.43 -19.86
C SER C 295 21.91 -1.25 -20.29
N ARG C 296 21.74 -0.08 -19.68
CA ARG C 296 22.48 1.11 -20.09
C ARG C 296 22.66 2.05 -18.89
N THR C 297 23.89 2.39 -18.53
CA THR C 297 24.10 3.42 -17.52
C THR C 297 23.70 4.77 -18.11
N THR C 298 23.02 5.60 -17.32
CA THR C 298 22.53 6.89 -17.79
C THR C 298 23.11 8.07 -17.01
N ARG C 299 23.71 7.81 -15.86
CA ARG C 299 24.32 8.88 -15.05
C ARG C 299 25.56 8.41 -14.33
N LEU D 13 -27.77 17.52 -36.17
CA LEU D 13 -28.33 18.39 -35.07
C LEU D 13 -27.22 18.67 -34.04
N GLU D 14 -26.97 19.96 -33.77
CA GLU D 14 -25.96 20.34 -32.80
C GLU D 14 -26.69 20.99 -31.64
N LEU D 15 -26.53 20.40 -30.46
CA LEU D 15 -27.07 20.97 -29.24
C LEU D 15 -26.12 22.05 -28.76
N ASP D 16 -26.59 22.88 -27.84
CA ASP D 16 -25.76 23.88 -27.26
C ASP D 16 -25.02 23.23 -26.05
N VAL D 17 -23.83 22.65 -26.32
CA VAL D 17 -23.11 21.79 -25.33
C VAL D 17 -21.92 22.56 -24.73
N HIS D 18 -21.83 22.58 -23.40
CA HIS D 18 -20.79 23.36 -22.70
C HIS D 18 -20.01 22.37 -21.78
N PRO D 19 -18.87 21.86 -22.28
CA PRO D 19 -18.01 20.98 -21.46
C PRO D 19 -17.76 21.59 -20.05
N VAL D 20 -17.74 20.74 -19.02
CA VAL D 20 -17.59 21.17 -17.58
C VAL D 20 -16.11 21.00 -17.17
N ALA D 21 -15.64 19.76 -17.08
CA ALA D 21 -14.21 19.57 -16.83
C ALA D 21 -13.47 19.22 -18.13
N GLY D 22 -12.15 19.08 -18.11
CA GLY D 22 -11.45 18.96 -19.37
C GLY D 22 -11.65 17.57 -20.00
N ARG D 23 -11.94 16.52 -19.21
CA ARG D 23 -11.95 15.14 -19.75
C ARG D 23 -13.27 14.45 -19.47
N ILE D 24 -14.27 15.18 -18.95
CA ILE D 24 -15.55 14.56 -18.68
C ILE D 24 -16.58 15.62 -18.33
N GLY D 25 -17.85 15.40 -18.68
CA GLY D 25 -18.97 16.25 -18.24
C GLY D 25 -19.26 17.38 -19.17
N ALA D 26 -20.56 17.58 -19.44
CA ALA D 26 -21.03 18.70 -20.31
C ALA D 26 -22.45 19.12 -19.91
N GLU D 27 -22.66 20.43 -19.81
CA GLU D 27 -23.98 20.93 -19.59
C GLU D 27 -24.59 21.17 -20.98
N ILE D 28 -25.84 20.75 -21.13
CA ILE D 28 -26.59 21.00 -22.35
C ILE D 28 -27.67 22.06 -22.06
N ARG D 29 -27.61 23.15 -22.83
CA ARG D 29 -28.54 24.29 -22.64
C ARG D 29 -29.63 24.25 -23.72
N GLY D 30 -30.83 24.82 -23.43
CA GLY D 30 -31.78 25.08 -24.50
C GLY D 30 -32.62 23.87 -24.76
N VAL D 31 -32.60 22.90 -23.85
CA VAL D 31 -33.44 21.73 -23.99
C VAL D 31 -34.27 21.57 -22.78
N LYS D 32 -35.59 21.54 -22.96
CA LYS D 32 -36.48 21.21 -21.90
C LYS D 32 -36.81 19.76 -22.00
N LEU D 33 -36.43 18.94 -21.01
CA LEU D 33 -36.55 17.53 -21.09
C LEU D 33 -38.05 17.17 -21.00
N SER D 34 -38.50 16.08 -21.67
CA SER D 34 -39.92 15.66 -21.61
C SER D 34 -40.12 14.44 -22.46
N PRO D 35 -41.29 13.80 -22.32
CA PRO D 35 -41.61 12.56 -23.06
C PRO D 35 -41.83 12.85 -24.56
N ASP D 36 -41.79 14.12 -24.97
CA ASP D 36 -42.19 14.50 -26.34
C ASP D 36 -41.05 15.01 -27.17
N LEU D 37 -39.81 14.77 -26.71
CA LEU D 37 -38.65 15.26 -27.47
C LEU D 37 -38.58 14.52 -28.83
N ASP D 38 -38.18 15.24 -29.88
CA ASP D 38 -38.17 14.57 -31.19
C ASP D 38 -36.93 13.68 -31.32
N ALA D 39 -36.98 12.80 -32.34
CA ALA D 39 -35.98 11.74 -32.47
C ALA D 39 -34.55 12.27 -32.69
N ALA D 40 -34.37 13.38 -33.39
CA ALA D 40 -33.06 13.99 -33.53
C ALA D 40 -32.54 14.55 -32.19
N THR D 41 -33.42 15.10 -31.36
CA THR D 41 -32.97 15.65 -30.10
C THR D 41 -32.52 14.48 -29.22
N VAL D 42 -33.28 13.42 -29.19
CA VAL D 42 -32.90 12.32 -28.42
C VAL D 42 -31.54 11.73 -28.87
N GLU D 43 -31.32 11.69 -30.19
CA GLU D 43 -30.14 11.04 -30.69
C GLU D 43 -29.00 11.94 -30.31
N ALA D 44 -29.15 13.27 -30.44
CA ALA D 44 -28.06 14.17 -30.11
C ALA D 44 -27.77 14.07 -28.60
N ILE D 45 -28.81 13.81 -27.77
CA ILE D 45 -28.58 13.64 -26.34
C ILE D 45 -27.75 12.35 -26.09
N GLN D 46 -28.05 11.29 -26.84
CA GLN D 46 -27.41 10.00 -26.62
C GLN D 46 -25.93 10.14 -27.07
N ALA D 47 -25.69 10.87 -28.15
CA ALA D 47 -24.34 11.11 -28.66
C ALA D 47 -23.49 11.90 -27.63
N ALA D 48 -24.10 12.91 -27.00
CA ALA D 48 -23.45 13.77 -26.07
C ALA D 48 -23.13 12.97 -24.80
N LEU D 49 -24.03 12.06 -24.45
CA LEU D 49 -23.82 11.23 -23.35
C LEU D 49 -22.63 10.26 -23.57
N VAL D 50 -22.50 9.69 -24.79
CA VAL D 50 -21.42 8.78 -25.04
C VAL D 50 -20.09 9.57 -25.00
N ARG D 51 -20.07 10.76 -25.61
CA ARG D 51 -18.84 11.50 -25.76
C ARG D 51 -18.41 12.02 -24.39
N HIS D 52 -19.34 12.53 -23.59
CA HIS D 52 -18.99 13.30 -22.36
C HIS D 52 -19.17 12.54 -21.09
N LYS D 53 -19.88 11.42 -21.17
CA LYS D 53 -19.98 10.40 -20.06
C LYS D 53 -20.90 10.78 -18.99
N VAL D 54 -20.96 12.08 -18.65
CA VAL D 54 -22.10 12.56 -17.87
C VAL D 54 -22.55 13.91 -18.38
N ILE D 55 -23.88 14.10 -18.45
CA ILE D 55 -24.37 15.40 -19.04
C ILE D 55 -25.43 16.02 -18.12
N PHE D 56 -25.50 17.34 -18.16
CA PHE D 56 -26.27 18.01 -17.19
C PHE D 56 -27.29 18.93 -17.86
N PHE D 57 -28.47 18.96 -17.24
CA PHE D 57 -29.56 19.88 -17.70
C PHE D 57 -30.04 20.69 -16.50
N ARG D 58 -29.91 22.00 -16.57
CA ARG D 58 -30.32 22.87 -15.44
C ARG D 58 -31.74 23.44 -15.71
N GLY D 59 -32.53 23.66 -14.64
CA GLY D 59 -33.74 24.48 -14.74
C GLY D 59 -34.88 23.65 -15.28
N GLN D 60 -34.87 22.38 -14.95
CA GLN D 60 -35.90 21.51 -15.51
C GLN D 60 -36.98 21.50 -14.46
N THR D 61 -37.51 22.70 -14.19
CA THR D 61 -38.47 22.92 -13.05
C THR D 61 -39.86 22.27 -13.38
N HIS D 62 -40.15 22.19 -14.69
CA HIS D 62 -41.38 21.63 -15.25
C HIS D 62 -41.41 20.12 -15.15
N LEU D 63 -40.27 19.51 -14.87
CA LEU D 63 -40.15 18.06 -15.06
C LEU D 63 -40.51 17.26 -13.84
N ASP D 64 -41.79 16.88 -13.78
CA ASP D 64 -42.37 16.18 -12.63
C ASP D 64 -42.06 14.73 -12.75
N ASP D 65 -42.61 13.93 -11.83
CA ASP D 65 -42.21 12.56 -11.64
C ASP D 65 -42.55 11.78 -12.94
N GLN D 66 -43.80 11.95 -13.43
CA GLN D 66 -44.34 11.29 -14.66
C GLN D 66 -43.58 11.65 -15.90
N SER D 67 -43.28 12.93 -16.02
CA SER D 67 -42.59 13.39 -17.13
C SER D 67 -41.10 12.89 -17.12
N GLN D 68 -40.47 12.65 -15.92
CA GLN D 68 -39.06 12.18 -15.87
C GLN D 68 -39.10 10.78 -16.41
N GLU D 69 -40.02 9.97 -15.91
CA GLU D 69 -40.15 8.59 -16.36
C GLU D 69 -40.42 8.46 -17.85
N GLY D 70 -41.32 9.27 -18.36
CA GLY D 70 -41.59 9.17 -19.81
C GLY D 70 -40.43 9.72 -20.62
N PHE D 71 -39.70 10.69 -20.07
CA PHE D 71 -38.52 11.13 -20.82
C PHE D 71 -37.47 9.97 -20.89
N ALA D 72 -37.38 9.25 -19.81
CA ALA D 72 -36.36 8.24 -19.65
C ALA D 72 -36.61 7.09 -20.64
N LYS D 73 -37.90 6.83 -20.92
CA LYS D 73 -38.29 5.69 -21.75
C LYS D 73 -37.85 6.04 -23.17
N LEU D 74 -37.52 7.30 -23.42
CA LEU D 74 -37.04 7.62 -24.73
C LEU D 74 -35.60 7.12 -24.91
N LEU D 75 -34.89 6.89 -23.79
CA LEU D 75 -33.40 6.62 -23.88
C LEU D 75 -33.09 5.17 -23.70
N GLY D 76 -34.04 4.39 -23.14
CA GLY D 76 -33.81 2.97 -22.90
C GLY D 76 -35.03 2.42 -22.17
N GLU D 77 -34.93 1.23 -21.55
CA GLU D 77 -36.01 0.57 -20.84
C GLU D 77 -35.78 0.72 -19.36
N PRO D 78 -36.70 1.37 -18.63
CA PRO D 78 -36.51 1.56 -17.20
C PRO D 78 -36.42 0.24 -16.51
N VAL D 79 -35.70 0.13 -15.39
CA VAL D 79 -35.57 -1.15 -14.70
C VAL D 79 -36.55 -1.16 -13.49
N THR D 90 -46.62 7.25 -10.82
CA THR D 90 -45.32 6.60 -11.26
C THR D 90 -45.01 5.06 -11.22
N ARG D 91 -44.37 4.55 -12.30
CA ARG D 91 -43.99 3.12 -12.33
C ARG D 91 -42.53 2.83 -11.90
N TYR D 92 -41.57 3.66 -12.36
CA TYR D 92 -40.13 3.44 -12.19
C TYR D 92 -39.34 4.49 -11.39
N LEU D 93 -39.96 5.64 -11.09
CA LEU D 93 -39.24 6.71 -10.40
C LEU D 93 -38.95 6.42 -8.92
N LEU D 94 -37.67 6.33 -8.54
CA LEU D 94 -37.26 6.11 -7.14
C LEU D 94 -36.71 7.42 -6.53
N GLN D 95 -37.16 7.65 -5.30
CA GLN D 95 -36.75 8.77 -4.50
C GLN D 95 -35.69 8.28 -3.53
N LEU D 96 -34.54 8.97 -3.55
CA LEU D 96 -33.43 8.79 -2.57
C LEU D 96 -33.26 10.06 -1.69
N ASP D 97 -33.31 9.89 -0.38
CA ASP D 97 -33.39 10.98 0.59
C ASP D 97 -32.08 11.01 1.44
N ALA D 104 -23.92 7.17 0.10
CA ALA D 104 -23.14 6.57 -0.99
C ALA D 104 -21.77 7.24 -1.35
N ASN D 105 -20.94 7.49 -0.32
CA ASN D 105 -19.71 8.25 -0.53
C ASN D 105 -18.60 7.24 -0.74
N SER D 106 -18.71 6.52 -1.84
CA SER D 106 -17.68 5.52 -2.16
C SER D 106 -17.83 5.29 -3.64
N TRP D 107 -16.70 5.13 -4.33
CA TRP D 107 -16.66 5.15 -5.81
C TRP D 107 -17.20 3.86 -6.37
N HIS D 108 -18.12 3.94 -7.33
CA HIS D 108 -18.72 2.65 -7.81
C HIS D 108 -19.38 2.85 -9.13
N THR D 109 -19.50 1.78 -9.88
CA THR D 109 -20.31 1.79 -11.07
C THR D 109 -21.58 1.05 -10.61
N ASP D 110 -22.75 1.34 -11.18
CA ASP D 110 -24.00 0.91 -10.53
C ASP D 110 -24.25 -0.57 -10.70
N VAL D 111 -24.54 -1.23 -9.59
CA VAL D 111 -25.00 -2.64 -9.61
C VAL D 111 -24.08 -3.59 -10.39
N THR D 112 -22.74 -3.46 -10.24
CA THR D 112 -21.91 -4.27 -11.14
C THR D 112 -21.81 -5.72 -10.63
N PHE D 113 -22.45 -6.05 -9.51
CA PHE D 113 -22.51 -7.43 -9.04
C PHE D 113 -23.51 -8.26 -9.85
N VAL D 114 -24.27 -7.65 -10.75
CA VAL D 114 -25.07 -8.42 -11.69
C VAL D 114 -24.44 -8.36 -13.06
N GLU D 115 -24.90 -9.25 -13.91
CA GLU D 115 -24.32 -9.49 -15.19
C GLU D 115 -24.66 -8.40 -16.18
N ALA D 116 -25.96 -8.09 -16.35
CA ALA D 116 -26.30 -7.03 -17.31
C ALA D 116 -26.70 -5.74 -16.54
N TYR D 117 -25.71 -5.02 -15.95
CA TYR D 117 -26.04 -3.94 -15.01
C TYR D 117 -26.49 -2.76 -15.85
N PRO D 118 -27.06 -1.73 -15.22
CA PRO D 118 -27.63 -0.59 -15.94
C PRO D 118 -26.72 0.10 -16.91
N LYS D 119 -27.24 0.54 -18.02
CA LYS D 119 -26.42 1.30 -18.93
C LYS D 119 -26.37 2.82 -18.55
N ALA D 120 -27.32 3.29 -17.73
CA ALA D 120 -27.50 4.76 -17.49
C ALA D 120 -28.42 4.99 -16.36
N SER D 121 -28.28 6.16 -15.73
CA SER D 121 -29.33 6.70 -14.83
C SER D 121 -29.59 8.10 -15.16
N ILE D 122 -30.86 8.49 -14.94
CA ILE D 122 -31.36 9.88 -15.08
C ILE D 122 -31.74 10.38 -13.71
N LEU D 123 -31.11 11.48 -13.24
CA LEU D 123 -31.24 11.76 -11.77
C LEU D 123 -31.58 13.21 -11.64
N ARG D 124 -32.61 13.48 -10.88
CA ARG D 124 -33.17 14.85 -10.83
C ARG D 124 -33.03 15.29 -9.34
N SER D 125 -32.51 16.52 -9.12
CA SER D 125 -32.48 17.09 -7.79
C SER D 125 -33.86 17.67 -7.45
N VAL D 126 -34.42 17.22 -6.32
CA VAL D 126 -35.71 17.72 -5.86
C VAL D 126 -35.48 18.68 -4.66
N VAL D 127 -34.64 18.26 -3.72
CA VAL D 127 -34.23 19.17 -2.59
C VAL D 127 -32.71 19.08 -2.51
N ALA D 128 -32.08 20.23 -2.62
CA ALA D 128 -30.65 20.34 -2.67
C ALA D 128 -30.14 21.14 -1.45
N PRO D 129 -29.22 20.58 -0.65
CA PRO D 129 -28.54 21.36 0.38
C PRO D 129 -27.97 22.72 -0.13
N ALA D 130 -28.16 23.73 0.73
CA ALA D 130 -27.59 25.04 0.48
C ALA D 130 -26.06 24.94 0.38
N SER D 131 -25.43 24.03 1.16
CA SER D 131 -23.96 23.86 0.94
C SER D 131 -23.62 22.36 1.06
N GLY D 132 -22.68 21.90 0.27
CA GLY D 132 -22.35 20.47 0.28
C GLY D 132 -23.37 19.70 -0.58
N GLY D 133 -23.18 18.37 -0.65
CA GLY D 133 -24.15 17.47 -1.31
C GLY D 133 -23.81 17.13 -2.75
N ASP D 134 -22.57 17.42 -3.17
CA ASP D 134 -22.17 17.30 -4.55
C ASP D 134 -22.17 15.82 -4.97
N THR D 135 -22.14 15.62 -6.28
CA THR D 135 -21.83 14.33 -6.83
C THR D 135 -20.64 14.52 -7.74
N VAL D 136 -19.77 13.49 -7.76
CA VAL D 136 -18.60 13.43 -8.64
C VAL D 136 -18.71 12.21 -9.53
N TRP D 137 -18.31 12.33 -10.80
CA TRP D 137 -18.23 11.18 -11.71
C TRP D 137 -16.78 11.05 -12.20
N ALA D 138 -16.37 9.84 -12.54
CA ALA D 138 -15.04 9.60 -13.12
C ALA D 138 -15.21 8.95 -14.48
N ASN D 139 -14.29 9.25 -15.41
CA ASN D 139 -14.37 8.80 -16.75
C ASN D 139 -13.51 7.54 -16.86
N THR D 140 -14.12 6.32 -16.82
CA THR D 140 -13.27 5.08 -16.75
C THR D 140 -12.68 4.72 -18.12
N ALA D 141 -13.12 5.40 -19.20
CA ALA D 141 -12.55 5.18 -20.50
C ALA D 141 -11.28 6.02 -20.62
N ALA D 142 -11.33 7.30 -20.19
CA ALA D 142 -10.11 8.13 -20.11
C ALA D 142 -9.06 7.50 -19.17
N ALA D 143 -9.52 6.90 -18.05
CA ALA D 143 -8.58 6.21 -17.09
C ALA D 143 -7.84 5.08 -17.77
N TYR D 144 -8.55 4.30 -18.57
CA TYR D 144 -7.94 3.21 -19.36
C TYR D 144 -6.96 3.73 -20.37
N GLN D 145 -7.34 4.74 -21.13
CA GLN D 145 -6.47 5.32 -22.21
C GLN D 145 -5.15 5.84 -21.70
N GLU D 146 -5.17 6.46 -20.53
CA GLU D 146 -3.93 7.09 -20.02
C GLU D 146 -2.92 6.06 -19.43
N LEU D 147 -3.30 4.78 -19.21
CA LEU D 147 -2.31 3.80 -18.70
C LEU D 147 -1.24 3.61 -19.75
N PRO D 148 0.06 3.39 -19.34
CA PRO D 148 1.08 2.95 -20.31
C PRO D 148 0.63 1.69 -20.98
N GLU D 149 1.06 1.52 -22.21
CA GLU D 149 0.58 0.45 -23.02
C GLU D 149 0.81 -0.96 -22.39
N PRO D 150 1.95 -1.25 -21.79
CA PRO D 150 2.07 -2.57 -21.08
C PRO D 150 0.97 -2.75 -20.01
N LEU D 151 0.63 -1.69 -19.28
CA LEU D 151 -0.40 -1.77 -18.24
C LEU D 151 -1.78 -1.90 -18.84
N ARG D 152 -2.08 -1.19 -19.94
CA ARG D 152 -3.35 -1.48 -20.72
C ARG D 152 -3.43 -2.97 -21.15
N GLU D 153 -2.29 -3.48 -21.64
CA GLU D 153 -2.28 -4.90 -22.06
C GLU D 153 -2.49 -5.85 -20.91
N LEU D 154 -1.90 -5.60 -19.74
CA LEU D 154 -2.36 -6.38 -18.54
C LEU D 154 -3.86 -6.28 -18.24
N ALA D 155 -4.35 -5.04 -18.11
CA ALA D 155 -5.76 -4.80 -17.74
C ALA D 155 -6.68 -5.54 -18.71
N ASP D 156 -6.35 -5.58 -19.99
CA ASP D 156 -7.14 -6.28 -21.01
C ASP D 156 -7.33 -7.78 -20.73
N LYS D 157 -6.49 -8.35 -19.86
CA LYS D 157 -6.51 -9.75 -19.53
C LYS D 157 -7.15 -10.09 -18.19
N LEU D 158 -7.34 -9.07 -17.33
CA LEU D 158 -7.82 -9.26 -16.00
C LEU D 158 -9.31 -9.44 -15.94
N TRP D 159 -9.74 -10.24 -14.96
CA TRP D 159 -11.15 -10.44 -14.63
C TRP D 159 -11.29 -10.16 -13.20
N ALA D 160 -12.42 -9.62 -12.80
CA ALA D 160 -12.64 -9.42 -11.36
C ALA D 160 -13.99 -10.02 -10.92
N VAL D 161 -14.08 -10.32 -9.65
CA VAL D 161 -15.33 -10.75 -9.10
C VAL D 161 -16.01 -9.58 -8.36
N HIS D 162 -17.27 -9.33 -8.74
CA HIS D 162 -18.02 -8.25 -8.11
C HIS D 162 -19.15 -8.84 -7.26
N SER D 163 -19.33 -8.30 -6.06
CA SER D 163 -20.29 -8.88 -5.17
C SER D 163 -21.08 -7.80 -4.45
N ASN D 164 -22.34 -8.09 -4.12
CA ASN D 164 -23.01 -7.24 -3.17
C ASN D 164 -22.63 -7.60 -1.77
N TYR D 192 -25.28 -12.00 -4.57
CA TYR D 192 -24.89 -12.14 -6.01
C TYR D 192 -23.38 -11.97 -6.21
N GLU D 193 -22.75 -12.85 -7.02
CA GLU D 193 -21.33 -12.71 -7.45
C GLU D 193 -21.25 -12.83 -8.97
N THR D 194 -20.63 -11.85 -9.63
CA THR D 194 -20.46 -11.88 -11.09
C THR D 194 -19.00 -11.62 -11.46
N GLU D 195 -18.55 -12.26 -12.57
CA GLU D 195 -17.23 -12.06 -13.07
C GLU D 195 -17.33 -11.21 -14.26
N HIS D 196 -16.62 -10.09 -14.19
CA HIS D 196 -16.58 -9.19 -15.34
C HIS D 196 -15.13 -9.00 -15.76
N PRO D 197 -14.91 -8.74 -17.04
CA PRO D 197 -13.59 -8.33 -17.48
C PRO D 197 -13.24 -7.00 -16.81
N VAL D 198 -11.97 -6.76 -16.50
CA VAL D 198 -11.57 -5.44 -15.98
C VAL D 198 -11.73 -4.33 -17.03
N VAL D 199 -11.64 -4.72 -18.29
CA VAL D 199 -11.74 -3.79 -19.37
C VAL D 199 -12.99 -4.18 -20.16
N ARG D 200 -13.97 -3.27 -20.21
CA ARG D 200 -15.14 -3.48 -21.05
C ARG D 200 -15.00 -2.72 -22.35
N VAL D 201 -15.39 -3.34 -23.49
CA VAL D 201 -15.42 -2.68 -24.79
C VAL D 201 -16.86 -2.09 -24.94
N HIS D 202 -16.95 -0.77 -25.07
CA HIS D 202 -18.27 -0.10 -24.99
C HIS D 202 -19.05 -0.55 -26.23
N PRO D 203 -20.33 -0.95 -26.07
CA PRO D 203 -21.14 -1.46 -27.23
C PRO D 203 -21.55 -0.46 -28.24
N ILE D 204 -21.36 0.85 -28.04
CA ILE D 204 -21.70 1.83 -29.09
C ILE D 204 -20.46 2.44 -29.65
N SER D 205 -19.58 2.88 -28.76
CA SER D 205 -18.42 3.66 -29.22
C SER D 205 -17.25 2.71 -29.42
N GLY D 206 -17.29 1.49 -28.91
CA GLY D 206 -16.05 0.65 -28.95
C GLY D 206 -14.87 1.12 -28.06
N GLU D 207 -15.10 2.19 -27.28
CA GLU D 207 -14.04 2.67 -26.35
C GLU D 207 -13.87 1.64 -25.25
N ARG D 208 -12.63 1.35 -24.89
CA ARG D 208 -12.37 0.52 -23.73
C ARG D 208 -12.51 1.29 -22.43
N ALA D 209 -13.12 0.68 -21.41
CA ALA D 209 -13.26 1.36 -20.11
C ALA D 209 -12.95 0.41 -18.99
N LEU D 210 -12.38 0.90 -17.91
CA LEU D 210 -12.10 0.11 -16.72
C LEU D 210 -13.36 -0.15 -15.95
N GLN D 211 -13.60 -1.40 -15.54
CA GLN D 211 -14.79 -1.76 -14.86
C GLN D 211 -14.42 -2.22 -13.46
N LEU D 212 -14.49 -1.30 -12.48
CA LEU D 212 -13.99 -1.60 -11.16
C LEU D 212 -14.93 -1.04 -10.11
N GLY D 213 -14.40 -0.27 -9.17
CA GLY D 213 -15.23 0.36 -8.13
C GLY D 213 -15.48 -0.55 -6.95
N HIS D 214 -16.31 -0.07 -6.01
CA HIS D 214 -16.35 -0.70 -4.73
C HIS D 214 -17.00 -2.10 -4.72
N PHE D 215 -17.76 -2.50 -5.75
CA PHE D 215 -18.31 -3.86 -5.74
C PHE D 215 -17.24 -4.94 -6.03
N VAL D 216 -16.02 -4.53 -6.44
CA VAL D 216 -14.98 -5.50 -6.72
C VAL D 216 -14.55 -6.17 -5.43
N LYS D 217 -14.63 -7.48 -5.40
CA LYS D 217 -14.20 -8.24 -4.19
C LYS D 217 -12.76 -8.67 -4.45
N ARG D 218 -12.41 -9.04 -5.70
CA ARG D 218 -10.99 -9.40 -5.88
C ARG D 218 -10.77 -9.58 -7.32
N ILE D 219 -9.50 -9.49 -7.70
CA ILE D 219 -9.12 -9.79 -9.10
C ILE D 219 -8.80 -11.29 -9.23
N LYS D 220 -9.50 -11.97 -10.13
CA LYS D 220 -9.42 -13.41 -10.27
C LYS D 220 -8.01 -13.80 -10.68
N GLY D 221 -7.43 -14.71 -9.88
CA GLY D 221 -6.26 -15.50 -10.28
C GLY D 221 -5.06 -14.92 -9.57
N TYR D 222 -5.29 -14.10 -8.53
CA TYR D 222 -4.16 -13.40 -7.83
C TYR D 222 -4.25 -13.63 -6.38
N SER D 223 -3.13 -13.54 -5.68
CA SER D 223 -3.23 -13.56 -4.24
C SER D 223 -3.95 -12.33 -3.84
N LEU D 224 -4.33 -12.27 -2.56
CA LEU D 224 -5.03 -11.16 -1.99
C LEU D 224 -4.19 -9.92 -2.07
N ALA D 225 -2.91 -10.03 -1.72
CA ALA D 225 -2.01 -8.87 -1.72
C ALA D 225 -1.79 -8.29 -3.11
N ASP D 226 -1.56 -9.14 -4.10
CA ASP D 226 -1.38 -8.74 -5.47
C ASP D 226 -2.67 -8.12 -6.05
N SER D 227 -3.82 -8.72 -5.75
CA SER D 227 -5.13 -8.23 -6.16
C SER D 227 -5.32 -6.77 -5.69
N GLN D 228 -5.04 -6.51 -4.43
CA GLN D 228 -5.11 -5.18 -3.87
C GLN D 228 -4.19 -4.16 -4.52
N HIS D 229 -2.93 -4.54 -4.78
CA HIS D 229 -2.02 -3.68 -5.52
C HIS D 229 -2.49 -3.33 -6.92
N LEU D 230 -2.85 -4.34 -7.71
CA LEU D 230 -3.36 -4.12 -9.03
C LEU D 230 -4.67 -3.30 -9.05
N PHE D 231 -5.61 -3.61 -8.17
CA PHE D 231 -6.80 -2.78 -8.04
C PHE D 231 -6.41 -1.37 -7.66
N ALA D 232 -5.60 -1.19 -6.61
CA ALA D 232 -5.17 0.19 -6.20
C ALA D 232 -4.61 0.95 -7.41
N VAL D 233 -3.78 0.30 -8.23
CA VAL D 233 -3.20 1.04 -9.42
C VAL D 233 -4.30 1.51 -10.38
N LEU D 234 -5.14 0.58 -10.80
CA LEU D 234 -6.13 0.86 -11.85
C LEU D 234 -7.26 1.74 -11.34
N GLN D 235 -7.81 1.45 -10.16
CA GLN D 235 -8.83 2.29 -9.51
C GLN D 235 -8.24 3.72 -9.23
N GLY D 236 -6.95 3.79 -8.90
CA GLY D 236 -6.28 5.11 -8.69
C GLY D 236 -6.30 5.97 -9.95
N HIS D 237 -6.25 5.37 -11.13
CA HIS D 237 -6.33 6.14 -12.39
C HIS D 237 -7.72 6.61 -12.65
N VAL D 238 -8.74 5.77 -12.35
CA VAL D 238 -10.11 6.20 -12.34
C VAL D 238 -10.34 7.49 -11.55
N THR D 239 -9.90 7.50 -10.28
CA THR D 239 -10.36 8.57 -9.46
C THR D 239 -9.34 9.75 -9.40
N ARG D 240 -8.32 9.70 -10.25
CA ARG D 240 -7.34 10.79 -10.38
C ARG D 240 -8.17 12.05 -10.71
N LEU D 241 -7.91 13.19 -10.05
CA LEU D 241 -8.76 14.40 -10.20
C LEU D 241 -8.99 14.77 -11.67
N GLU D 242 -7.97 14.54 -12.52
CA GLU D 242 -8.08 14.92 -13.93
C GLU D 242 -9.17 14.16 -14.72
N ASN D 243 -9.55 12.98 -14.21
CA ASN D 243 -10.58 12.12 -14.84
C ASN D 243 -11.96 12.35 -14.24
N THR D 244 -12.16 13.40 -13.42
CA THR D 244 -13.45 13.51 -12.75
C THR D 244 -14.10 14.89 -12.95
N VAL D 245 -15.40 14.94 -12.72
CA VAL D 245 -16.10 16.22 -12.75
C VAL D 245 -17.01 16.17 -11.51
N ARG D 246 -17.07 17.28 -10.80
CA ARG D 246 -17.87 17.36 -9.59
C ARG D 246 -19.04 18.33 -9.84
N TRP D 247 -20.24 17.96 -9.48
CA TRP D 247 -21.36 18.85 -9.82
C TRP D 247 -22.01 19.30 -8.51
N ARG D 248 -22.30 20.60 -8.38
CA ARG D 248 -23.01 21.13 -7.22
C ARG D 248 -24.52 21.28 -7.58
N TRP D 249 -25.38 20.53 -6.90
CA TRP D 249 -26.74 20.48 -7.38
C TRP D 249 -27.58 21.72 -6.99
N GLU D 250 -28.44 22.17 -7.90
CA GLU D 250 -29.61 23.07 -7.56
C GLU D 250 -30.89 22.34 -7.91
N ALA D 251 -31.96 22.56 -7.13
CA ALA D 251 -33.25 21.87 -7.37
C ALA D 251 -33.64 22.08 -8.82
N GLY D 252 -34.11 21.01 -9.45
CA GLY D 252 -34.35 21.03 -10.89
C GLY D 252 -33.27 20.67 -11.87
N ASP D 253 -32.04 20.51 -11.37
CA ASP D 253 -30.95 19.93 -12.14
C ASP D 253 -31.26 18.48 -12.45
N VAL D 254 -30.84 18.09 -13.64
CA VAL D 254 -30.91 16.67 -14.04
C VAL D 254 -29.53 16.24 -14.60
N ALA D 255 -29.04 15.11 -14.14
CA ALA D 255 -27.77 14.55 -14.67
C ALA D 255 -28.15 13.25 -15.28
N ILE D 256 -27.48 12.91 -16.39
CA ILE D 256 -27.62 11.58 -16.96
C ILE D 256 -26.19 11.07 -17.12
N TRP D 257 -25.87 9.88 -16.65
CA TRP D 257 -24.56 9.37 -16.99
C TRP D 257 -24.57 7.99 -17.67
N ASP D 258 -23.47 7.70 -18.36
CA ASP D 258 -23.28 6.38 -19.03
C ASP D 258 -22.54 5.53 -18.03
N ASN D 259 -23.26 4.62 -17.40
CA ASN D 259 -22.75 3.75 -16.40
C ASN D 259 -21.78 2.68 -16.96
N ARG D 260 -21.62 2.62 -18.27
CA ARG D 260 -20.67 1.69 -18.86
C ARG D 260 -19.28 2.27 -18.86
N ALA D 261 -19.16 3.61 -18.71
CA ALA D 261 -17.85 4.24 -18.76
C ALA D 261 -17.62 5.27 -17.64
N THR D 262 -18.29 5.07 -16.48
CA THR D 262 -18.10 5.98 -15.38
C THR D 262 -18.17 5.24 -14.10
N GLN D 263 -17.75 5.95 -13.03
CA GLN D 263 -18.08 5.65 -11.64
C GLN D 263 -18.56 6.94 -11.07
N HIS D 264 -19.21 6.92 -9.95
CA HIS D 264 -19.59 8.17 -9.28
C HIS D 264 -19.51 7.99 -7.82
N TYR D 265 -19.69 9.11 -7.14
CA TYR D 265 -19.46 9.15 -5.66
C TYR D 265 -20.32 10.28 -5.12
N ALA D 266 -21.09 10.07 -4.07
CA ALA D 266 -21.93 11.14 -3.54
C ALA D 266 -21.26 11.71 -2.31
N VAL D 267 -20.89 13.00 -2.33
CA VAL D 267 -20.10 13.57 -1.26
C VAL D 267 -20.94 13.72 -0.01
N ASP D 268 -20.48 13.11 1.06
CA ASP D 268 -21.27 13.23 2.32
C ASP D 268 -20.74 14.36 3.28
N ASP D 269 -20.96 15.62 2.92
CA ASP D 269 -20.37 16.75 3.67
C ASP D 269 -21.44 17.69 4.06
N TYR D 270 -22.70 17.25 4.00
CA TYR D 270 -23.84 18.16 4.19
C TYR D 270 -24.64 17.99 5.53
N GLY D 271 -24.15 17.11 6.39
CA GLY D 271 -24.68 16.95 7.76
C GLY D 271 -26.16 16.64 7.66
N THR D 272 -27.02 17.40 8.33
CA THR D 272 -28.45 17.06 8.36
C THR D 272 -29.27 17.88 7.36
N GLN D 273 -28.59 18.65 6.47
CA GLN D 273 -29.32 19.37 5.47
C GLN D 273 -30.07 18.32 4.65
N PRO D 274 -31.37 18.50 4.44
CA PRO D 274 -32.10 17.53 3.57
C PRO D 274 -31.61 17.48 2.10
N ARG D 275 -31.59 16.29 1.53
CA ARG D 275 -31.14 16.17 0.14
C ARG D 275 -32.01 15.08 -0.45
N ILE D 276 -32.75 15.44 -1.49
CA ILE D 276 -33.70 14.43 -2.05
C ILE D 276 -33.55 14.51 -3.53
N VAL D 277 -33.30 13.35 -4.14
CA VAL D 277 -33.09 13.26 -5.60
C VAL D 277 -34.06 12.18 -6.07
N ARG D 278 -34.44 12.22 -7.35
CA ARG D 278 -35.29 11.11 -7.85
C ARG D 278 -34.62 10.47 -9.07
N ARG D 279 -34.55 9.14 -9.11
CA ARG D 279 -33.74 8.44 -10.12
C ARG D 279 -34.59 7.51 -11.02
N VAL D 280 -34.38 7.58 -12.35
CA VAL D 280 -34.74 6.42 -13.24
C VAL D 280 -33.45 5.75 -13.78
N THR D 281 -33.36 4.42 -13.62
CA THR D 281 -32.27 3.56 -14.13
C THR D 281 -32.71 2.87 -15.41
N LEU D 282 -31.81 2.76 -16.40
CA LEU D 282 -32.08 2.18 -17.71
C LEU D 282 -31.33 0.85 -17.88
N ALA D 283 -31.98 -0.16 -18.45
CA ALA D 283 -31.45 -1.57 -18.47
C ALA D 283 -30.24 -1.60 -19.37
N GLY D 284 -29.23 -2.38 -19.00
CA GLY D 284 -27.95 -2.45 -19.79
C GLY D 284 -27.64 -3.85 -20.33
N GLU D 285 -26.53 -3.98 -21.04
CA GLU D 285 -26.23 -5.22 -21.78
C GLU D 285 -25.19 -6.01 -20.98
N VAL D 286 -24.95 -7.26 -21.39
CA VAL D 286 -23.88 -8.06 -20.78
C VAL D 286 -22.53 -7.44 -21.25
N PRO D 287 -21.63 -7.05 -20.34
CA PRO D 287 -20.32 -6.51 -20.84
C PRO D 287 -19.63 -7.52 -21.82
N VAL D 288 -18.93 -7.03 -22.84
CA VAL D 288 -17.98 -7.82 -23.57
C VAL D 288 -16.53 -7.31 -23.32
N GLY D 289 -15.61 -8.25 -23.12
CA GLY D 289 -14.19 -7.95 -22.87
C GLY D 289 -13.54 -7.79 -24.21
N VAL D 290 -12.24 -7.50 -24.17
CA VAL D 290 -11.43 -7.16 -25.33
C VAL D 290 -11.29 -8.37 -26.30
N ASP D 291 -11.24 -9.57 -25.77
CA ASP D 291 -11.09 -10.79 -26.59
C ASP D 291 -12.50 -11.36 -26.86
N GLY D 292 -13.57 -10.58 -26.58
CA GLY D 292 -14.92 -10.99 -26.98
C GLY D 292 -15.66 -11.82 -25.98
N GLN D 293 -15.01 -12.17 -24.89
CA GLN D 293 -15.71 -12.97 -23.87
C GLN D 293 -16.77 -12.16 -23.05
N LEU D 294 -17.83 -12.81 -22.58
CA LEU D 294 -18.85 -12.08 -21.86
C LEU D 294 -18.80 -12.30 -20.36
N SER D 295 -19.36 -11.34 -19.58
CA SER D 295 -19.41 -11.53 -18.12
C SER D 295 -20.34 -12.67 -17.73
N ARG D 296 -20.21 -13.20 -16.53
CA ARG D 296 -21.00 -14.37 -16.16
C ARG D 296 -21.23 -14.37 -14.65
N THR D 297 -22.50 -14.39 -14.23
CA THR D 297 -22.82 -14.57 -12.81
C THR D 297 -22.40 -15.97 -12.34
N THR D 298 -21.82 -16.05 -11.15
CA THR D 298 -21.33 -17.32 -10.66
C THR D 298 -21.99 -17.77 -9.37
N ARG D 299 -22.70 -16.86 -8.69
CA ARG D 299 -23.35 -17.16 -7.40
C ARG D 299 -24.63 -16.34 -7.25
C1 SIN E . -0.22 28.24 -6.86
O1 SIN E . 0.42 27.17 -6.75
O2 SIN E . 0.05 29.17 -6.05
C2 SIN E . -1.26 28.41 -7.94
C3 SIN E . -1.92 27.06 -8.18
C4 SIN E . -3.10 27.15 -9.13
O3 SIN E . -2.97 27.78 -10.16
O4 SIN E . -4.21 26.61 -8.92
C1 SIN F . 0.16 -26.02 12.77
O1 SIN F . -0.59 -25.28 12.04
O2 SIN F . -0.11 -26.17 13.99
C2 SIN F . 1.37 -26.76 12.18
C3 SIN F . 1.97 -25.93 11.08
C4 SIN F . 3.21 -26.62 10.56
O3 SIN F . 3.09 -27.76 10.14
O4 SIN F . 4.35 -26.11 10.52
C1 SIN G . 27.48 -9.64 1.16
O1 SIN G . 26.31 -9.25 0.78
O2 SIN G . 28.41 -9.76 0.31
C2 SIN G . 27.74 -9.99 2.63
C3 SIN G . 26.45 -10.70 3.02
C4 SIN G . 26.52 -11.33 4.36
O3 SIN G . 27.38 -11.02 5.22
O4 SIN G . 25.70 -12.20 4.63
C1 SIN H . -27.30 7.19 -7.17
O1 SIN H . -26.46 6.38 -6.65
O2 SIN H . -27.91 6.82 -8.20
C2 SIN H . -27.54 8.60 -6.59
C3 SIN H . -26.17 9.32 -6.54
C4 SIN H . -26.27 10.70 -5.94
O3 SIN H . -27.22 10.98 -5.21
O4 SIN H . -25.44 11.61 -6.14
#